data_9O68
#
_entry.id   9O68
#
_cell.length_a   49.054
_cell.length_b   120.798
_cell.length_c   55.830
_cell.angle_alpha   90.00
_cell.angle_beta   94.87
_cell.angle_gamma   90.00
#
_symmetry.space_group_name_H-M   'P 1 21 1'
#
loop_
_entity.id
_entity.type
_entity.pdbx_description
1 polymer 'Tryptophan--tRNA ligase'
2 non-polymer TRYPTOPHAN
3 non-polymer 'CHLORIDE ION'
4 non-polymer 'SULFATE ION'
5 non-polymer 'TETRAETHYLENE GLYCOL'
6 water water
#
_entity_poly.entity_id   1
_entity_poly.type   'polypeptide(L)'
_entity_poly.pdbx_seq_one_letter_code
;MAHHHHHHMGTLEAQTQGPGSMTKPIVFSGAQPSGELTIGNYMGALRQWVNMQDDYHCIYCIVDQHAITVRQDPQNLRKA
TLDTLALYLACGIDPQKSTIFVQSHVPEHAQLGWALNCYTYFGELSRMTQFKDKSARYAENINAGLFDYPVLMAADILLY
QTNQVPVGEDQKQHLELSRDVAQRFNAIYGDIFKVPEPFIPKSGARVMSLLEPTKKMSKSDDNRNNVIGLLEDPKSVVKK
IKRAVTDSDEPPVVRYDVQNKAGVSNLLDILSAVTGQSIPELEQHFEGKMYGHLKGEVAEAVSGMLTELQERYHRFRNDE
AFLNQVMKEGAEKASAHASKTLKAVYEAIGFVAKP
;
_entity_poly.pdbx_strand_id   A,B
#
loop_
_chem_comp.id
_chem_comp.type
_chem_comp.name
_chem_comp.formula
CL non-polymer 'CHLORIDE ION' 'Cl -1'
PG4 non-polymer 'TETRAETHYLENE GLYCOL' 'C8 H18 O5'
SO4 non-polymer 'SULFATE ION' 'O4 S -2'
#
# COMPACT_ATOMS: atom_id res chain seq x y z
N THR A 23 -1.38 -26.45 18.26
CA THR A 23 -2.00 -25.37 17.53
C THR A 23 -2.00 -25.69 16.03
N LYS A 24 -3.12 -25.45 15.36
CA LYS A 24 -3.24 -25.82 13.95
C LYS A 24 -2.27 -24.99 13.11
N PRO A 25 -1.66 -25.58 12.08
CA PRO A 25 -0.88 -24.76 11.15
C PRO A 25 -1.77 -23.80 10.39
N ILE A 26 -1.23 -22.62 10.11
CA ILE A 26 -1.96 -21.58 9.39
C ILE A 26 -1.51 -21.63 7.93
N VAL A 27 -2.47 -21.77 7.02
CA VAL A 27 -2.21 -21.89 5.60
C VAL A 27 -2.88 -20.71 4.90
N PHE A 28 -2.12 -20.02 4.04
CA PHE A 28 -2.62 -18.87 3.29
C PHE A 28 -2.53 -19.15 1.80
N SER A 29 -3.63 -18.92 1.09
CA SER A 29 -3.71 -19.15 -0.34
C SER A 29 -4.36 -17.95 -1.01
N GLY A 30 -3.72 -17.45 -2.06
CA GLY A 30 -4.27 -16.37 -2.86
C GLY A 30 -4.98 -16.93 -4.07
N ALA A 31 -6.16 -16.36 -4.36
CA ALA A 31 -6.98 -16.77 -5.50
C ALA A 31 -7.22 -15.55 -6.37
N GLN A 32 -6.72 -15.58 -7.60
CA GLN A 32 -6.99 -14.50 -8.52
C GLN A 32 -8.49 -14.45 -8.81
N PRO A 33 -9.09 -13.26 -8.89
CA PRO A 33 -10.52 -13.18 -9.23
C PRO A 33 -10.76 -13.39 -10.73
N SER A 34 -10.48 -14.62 -11.19
CA SER A 34 -10.63 -14.96 -12.59
C SER A 34 -11.99 -15.58 -12.90
N GLY A 35 -12.61 -16.22 -11.92
CA GLY A 35 -13.83 -16.95 -12.13
C GLY A 35 -13.65 -18.32 -12.73
N GLU A 36 -12.41 -18.76 -12.93
CA GLU A 36 -12.12 -19.99 -13.65
C GLU A 36 -11.22 -20.88 -12.81
N LEU A 37 -11.60 -22.16 -12.69
CA LEU A 37 -10.75 -23.21 -12.19
C LEU A 37 -10.84 -24.39 -13.14
N THR A 38 -9.78 -25.19 -13.20
CA THR A 38 -9.78 -26.41 -14.00
C THR A 38 -9.97 -27.61 -13.09
N ILE A 39 -10.39 -28.73 -13.68
CA ILE A 39 -10.44 -29.97 -12.91
C ILE A 39 -9.06 -30.31 -12.37
N GLY A 40 -7.99 -29.84 -13.03
CA GLY A 40 -6.66 -30.02 -12.49
C GLY A 40 -6.47 -29.27 -11.18
N ASN A 41 -6.91 -28.00 -11.14
CA ASN A 41 -6.83 -27.24 -9.89
C ASN A 41 -7.64 -27.91 -8.80
N TYR A 42 -8.82 -28.41 -9.14
CA TYR A 42 -9.75 -28.94 -8.14
C TYR A 42 -9.31 -30.31 -7.64
N MET A 43 -9.25 -31.31 -8.52
CA MET A 43 -8.91 -32.65 -8.06
C MET A 43 -7.46 -32.75 -7.60
N GLY A 44 -6.59 -31.85 -8.03
CA GLY A 44 -5.20 -31.86 -7.62
C GLY A 44 -4.96 -31.18 -6.29
N ALA A 45 -5.50 -29.97 -6.12
CA ALA A 45 -5.23 -29.18 -4.93
C ALA A 45 -6.47 -28.90 -4.09
N LEU A 46 -7.49 -28.24 -4.66
CA LEU A 46 -8.53 -27.64 -3.83
C LEU A 46 -9.40 -28.70 -3.15
N ARG A 47 -9.74 -29.77 -3.86
CA ARG A 47 -10.63 -30.78 -3.29
C ARG A 47 -10.04 -31.40 -2.04
N GLN A 48 -8.73 -31.64 -2.03
CA GLN A 48 -8.09 -32.18 -0.84
C GLN A 48 -8.08 -31.15 0.29
N TRP A 49 -7.79 -29.90 -0.04
CA TRP A 49 -7.82 -28.84 0.97
C TRP A 49 -9.20 -28.69 1.60
N VAL A 50 -10.26 -28.95 0.82
CA VAL A 50 -11.61 -28.88 1.37
C VAL A 50 -11.77 -29.84 2.54
N ASN A 51 -11.11 -30.98 2.48
CA ASN A 51 -11.21 -31.99 3.52
C ASN A 51 -10.21 -31.80 4.66
N MET A 52 -9.41 -30.73 4.60
CA MET A 52 -8.40 -30.45 5.63
C MET A 52 -8.70 -29.18 6.40
N GLN A 53 -9.92 -28.64 6.28
CA GLN A 53 -10.26 -27.38 6.94
C GLN A 53 -10.41 -27.53 8.44
N ASP A 54 -10.53 -28.74 8.96
CA ASP A 54 -10.64 -28.95 10.40
C ASP A 54 -9.29 -29.09 11.09
N ASP A 55 -8.25 -29.51 10.36
CA ASP A 55 -6.92 -29.72 10.92
C ASP A 55 -5.94 -28.61 10.59
N TYR A 56 -6.33 -27.67 9.73
CA TYR A 56 -5.54 -26.49 9.43
C TYR A 56 -6.43 -25.26 9.57
N HIS A 57 -5.77 -24.13 9.80
CA HIS A 57 -6.43 -22.82 9.80
C HIS A 57 -6.22 -22.25 8.39
N CYS A 58 -7.18 -22.53 7.52
CA CYS A 58 -7.06 -22.20 6.11
C CYS A 58 -7.62 -20.81 5.84
N ILE A 59 -6.82 -20.00 5.15
CA ILE A 59 -7.20 -18.64 4.76
C ILE A 59 -7.15 -18.57 3.25
N TYR A 60 -8.24 -18.11 2.64
CA TYR A 60 -8.35 -17.95 1.20
C TYR A 60 -8.65 -16.49 0.92
N CYS A 61 -7.79 -15.85 0.14
CA CYS A 61 -7.86 -14.41 -0.11
C CYS A 61 -8.00 -14.20 -1.61
N ILE A 62 -9.12 -13.61 -2.02
CA ILE A 62 -9.35 -13.26 -3.42
C ILE A 62 -8.63 -11.95 -3.68
N VAL A 63 -7.55 -12.00 -4.44
CA VAL A 63 -6.58 -10.89 -4.49
C VAL A 63 -6.98 -9.99 -5.65
N ASP A 64 -7.99 -9.16 -5.40
CA ASP A 64 -8.37 -8.18 -6.42
C ASP A 64 -7.38 -7.02 -6.50
N GLN A 65 -6.61 -6.77 -5.44
CA GLN A 65 -5.59 -5.73 -5.51
C GLN A 65 -4.40 -6.16 -6.36
N HIS A 66 -4.06 -7.46 -6.37
CA HIS A 66 -3.04 -7.93 -7.31
C HIS A 66 -3.57 -7.94 -8.74
N ALA A 67 -4.88 -8.17 -8.92
CA ALA A 67 -5.44 -8.29 -10.26
C ALA A 67 -5.24 -7.02 -11.07
N ILE A 68 -5.33 -5.85 -10.43
CA ILE A 68 -5.31 -4.59 -11.17
C ILE A 68 -3.89 -4.16 -11.52
N THR A 69 -2.89 -4.99 -11.24
CA THR A 69 -1.57 -4.72 -11.79
C THR A 69 -1.53 -4.92 -13.29
N VAL A 70 -2.55 -5.57 -13.87
CA VAL A 70 -2.82 -5.52 -15.29
C VAL A 70 -4.19 -4.87 -15.46
N ARG A 71 -4.39 -4.16 -16.56
CA ARG A 71 -5.61 -3.40 -16.73
C ARG A 71 -6.79 -4.35 -16.87
N GLN A 72 -7.80 -4.14 -16.04
CA GLN A 72 -8.97 -4.99 -15.95
C GLN A 72 -10.19 -4.19 -16.40
N ASP A 73 -11.08 -4.83 -17.15
CA ASP A 73 -12.38 -4.23 -17.40
C ASP A 73 -13.13 -4.18 -16.08
N PRO A 74 -13.59 -3.01 -15.62
CA PRO A 74 -14.17 -2.94 -14.26
C PRO A 74 -15.33 -3.89 -14.03
N GLN A 75 -16.26 -4.00 -14.97
CA GLN A 75 -17.43 -4.85 -14.77
C GLN A 75 -17.03 -6.32 -14.73
N ASN A 76 -16.06 -6.72 -15.57
CA ASN A 76 -15.59 -8.09 -15.53
C ASN A 76 -14.90 -8.40 -14.21
N LEU A 77 -14.14 -7.44 -13.67
CA LEU A 77 -13.42 -7.68 -12.43
C LEU A 77 -14.39 -7.92 -11.28
N ARG A 78 -15.41 -7.07 -11.16
CA ARG A 78 -16.39 -7.22 -10.08
C ARG A 78 -17.12 -8.55 -10.19
N LYS A 79 -17.60 -8.88 -11.39
CA LYS A 79 -18.32 -10.12 -11.57
C LYS A 79 -17.43 -11.32 -11.30
N ALA A 80 -16.17 -11.27 -11.75
CA ALA A 80 -15.27 -12.40 -11.58
C ALA A 80 -14.87 -12.59 -10.12
N THR A 81 -14.87 -11.51 -9.34
CA THR A 81 -14.64 -11.66 -7.90
C THR A 81 -15.73 -12.49 -7.26
N LEU A 82 -16.98 -12.24 -7.63
CA LEU A 82 -18.10 -13.00 -7.10
C LEU A 82 -18.14 -14.41 -7.68
N ASP A 83 -17.76 -14.56 -8.95
CA ASP A 83 -17.64 -15.88 -9.55
C ASP A 83 -16.68 -16.75 -8.74
N THR A 84 -15.49 -16.22 -8.44
CA THR A 84 -14.49 -16.97 -7.72
C THR A 84 -14.97 -17.34 -6.31
N LEU A 85 -15.61 -16.40 -5.63
CA LEU A 85 -16.11 -16.68 -4.28
C LEU A 85 -17.14 -17.80 -4.33
N ALA A 86 -18.14 -17.67 -5.21
CA ALA A 86 -19.17 -18.70 -5.30
C ALA A 86 -18.58 -20.04 -5.72
N LEU A 87 -17.50 -20.03 -6.50
CA LEU A 87 -16.89 -21.28 -6.93
C LEU A 87 -16.16 -21.98 -5.78
N TYR A 88 -15.41 -21.21 -5.00
CA TYR A 88 -14.76 -21.80 -3.83
C TYR A 88 -15.79 -22.34 -2.84
N LEU A 89 -16.89 -21.61 -2.64
CA LEU A 89 -17.95 -22.10 -1.76
C LEU A 89 -18.56 -23.39 -2.32
N ALA A 90 -18.79 -23.43 -3.63
CA ALA A 90 -19.36 -24.62 -4.24
C ALA A 90 -18.40 -25.81 -4.14
N CYS A 91 -17.10 -25.56 -4.25
CA CYS A 91 -16.12 -26.63 -4.09
C CYS A 91 -16.08 -27.17 -2.66
N GLY A 92 -16.59 -26.41 -1.69
CA GLY A 92 -16.73 -26.89 -0.33
C GLY A 92 -15.99 -26.09 0.71
N ILE A 93 -15.35 -24.97 0.36
CA ILE A 93 -14.77 -24.12 1.38
C ILE A 93 -15.89 -23.61 2.28
N ASP A 94 -15.77 -23.88 3.57
CA ASP A 94 -16.78 -23.51 4.55
C ASP A 94 -16.38 -22.20 5.22
N PRO A 95 -17.14 -21.11 5.06
CA PRO A 95 -16.72 -19.84 5.68
C PRO A 95 -16.72 -19.87 7.20
N GLN A 96 -17.38 -20.85 7.83
CA GLN A 96 -17.31 -20.98 9.28
C GLN A 96 -15.99 -21.58 9.74
N LYS A 97 -15.49 -22.60 9.02
CA LYS A 97 -14.24 -23.24 9.41
C LYS A 97 -13.02 -22.50 8.89
N SER A 98 -13.12 -21.92 7.70
CA SER A 98 -12.02 -21.22 7.06
C SER A 98 -12.33 -19.73 6.98
N THR A 99 -11.30 -18.95 6.72
CA THR A 99 -11.41 -17.51 6.51
C THR A 99 -11.28 -17.24 5.02
N ILE A 100 -12.37 -16.84 4.39
CA ILE A 100 -12.38 -16.50 2.98
C ILE A 100 -12.90 -15.07 2.83
N PHE A 101 -12.19 -14.26 2.05
CA PHE A 101 -12.51 -12.84 1.98
C PHE A 101 -11.90 -12.24 0.72
N VAL A 102 -12.30 -11.01 0.42
CA VAL A 102 -11.76 -10.24 -0.69
C VAL A 102 -10.68 -9.32 -0.17
N GLN A 103 -9.54 -9.30 -0.85
CA GLN A 103 -8.34 -8.64 -0.34
C GLN A 103 -8.59 -7.18 -0.05
N SER A 104 -9.25 -6.47 -0.97
CA SER A 104 -9.45 -5.03 -0.81
C SER A 104 -10.35 -4.69 0.38
N HIS A 105 -11.12 -5.65 0.87
CA HIS A 105 -11.97 -5.43 2.05
C HIS A 105 -11.19 -5.40 3.35
N VAL A 106 -9.90 -5.73 3.35
CA VAL A 106 -9.09 -5.76 4.55
C VAL A 106 -7.95 -4.77 4.37
N PRO A 107 -8.09 -3.54 4.91
CA PRO A 107 -7.07 -2.51 4.64
C PRO A 107 -5.68 -2.89 5.11
N GLU A 108 -5.56 -3.81 6.07
CA GLU A 108 -4.26 -4.18 6.61
C GLU A 108 -3.31 -4.69 5.54
N HIS A 109 -3.82 -5.23 4.44
CA HIS A 109 -2.95 -5.76 3.41
C HIS A 109 -2.14 -4.65 2.75
N ALA A 110 -2.80 -3.55 2.39
CA ALA A 110 -2.07 -2.43 1.78
C ALA A 110 -1.21 -1.70 2.80
N GLN A 111 -1.67 -1.62 4.05
CA GLN A 111 -0.89 -0.97 5.09
C GLN A 111 0.44 -1.67 5.30
N LEU A 112 0.42 -2.98 5.53
CA LEU A 112 1.67 -3.71 5.72
C LEU A 112 2.48 -3.75 4.43
N GLY A 113 1.79 -3.76 3.28
CA GLY A 113 2.50 -3.70 2.01
C GLY A 113 3.39 -2.47 1.91
N TRP A 114 2.91 -1.32 2.37
CA TRP A 114 3.76 -0.14 2.31
C TRP A 114 4.93 -0.24 3.27
N ALA A 115 4.70 -0.73 4.49
CA ALA A 115 5.77 -0.81 5.48
C ALA A 115 6.87 -1.76 5.01
N LEU A 116 6.49 -2.88 4.41
CA LEU A 116 7.49 -3.85 3.97
C LEU A 116 8.24 -3.36 2.73
N ASN A 117 7.69 -2.39 1.99
CA ASN A 117 8.47 -1.75 0.93
C ASN A 117 9.77 -1.16 1.50
N CYS A 118 9.69 -0.57 2.69
CA CYS A 118 10.84 0.08 3.30
C CYS A 118 11.85 -0.89 3.86
N TYR A 119 11.53 -2.19 3.90
CA TYR A 119 12.48 -3.22 4.30
C TYR A 119 12.77 -4.18 3.15
N THR A 120 12.42 -3.80 1.93
CA THR A 120 12.67 -4.60 0.74
C THR A 120 13.66 -3.86 -0.15
N TYR A 121 14.68 -4.56 -0.62
CA TYR A 121 15.66 -3.94 -1.50
C TYR A 121 15.09 -3.75 -2.89
N PHE A 122 15.42 -2.62 -3.50
CA PHE A 122 14.99 -2.33 -4.87
C PHE A 122 15.44 -3.44 -5.81
N GLY A 123 16.69 -3.90 -5.66
CA GLY A 123 17.20 -4.93 -6.54
C GLY A 123 16.50 -6.27 -6.38
N GLU A 124 15.93 -6.53 -5.21
CA GLU A 124 15.16 -7.76 -5.02
C GLU A 124 13.94 -7.79 -5.93
N LEU A 125 13.31 -6.63 -6.15
CA LEU A 125 12.14 -6.54 -7.00
C LEU A 125 12.53 -6.42 -8.47
N SER A 126 13.58 -5.67 -8.77
CA SER A 126 13.94 -5.41 -10.16
C SER A 126 14.41 -6.67 -10.87
N ARG A 127 14.86 -7.68 -10.13
CA ARG A 127 15.39 -8.91 -10.69
C ARG A 127 14.39 -10.08 -10.62
N MET A 128 13.14 -9.80 -10.30
CA MET A 128 12.13 -10.84 -10.29
C MET A 128 11.83 -11.31 -11.71
N THR A 129 11.69 -12.63 -11.88
CA THR A 129 11.40 -13.18 -13.19
C THR A 129 10.03 -12.73 -13.70
N GLN A 130 9.05 -12.66 -12.81
CA GLN A 130 7.72 -12.21 -13.21
C GLN A 130 7.77 -10.79 -13.76
N PHE A 131 8.60 -9.93 -13.15
CA PHE A 131 8.69 -8.55 -13.58
C PHE A 131 9.36 -8.43 -14.94
N LYS A 132 10.43 -9.19 -15.18
CA LYS A 132 11.05 -9.20 -16.49
C LYS A 132 10.19 -9.94 -17.51
N ASP A 133 9.37 -10.89 -17.06
CA ASP A 133 8.52 -11.66 -17.96
C ASP A 133 7.22 -10.94 -18.29
N LYS A 134 6.87 -9.91 -17.53
CA LYS A 134 5.72 -9.05 -17.84
C LYS A 134 6.13 -7.77 -18.56
N SER A 135 7.42 -7.46 -18.58
CA SER A 135 7.91 -6.26 -19.26
C SER A 135 7.69 -6.35 -20.77
N GLU A 140 8.72 -0.20 -21.43
CA GLU A 140 8.50 1.11 -20.83
C GLU A 140 7.03 1.33 -20.48
N ASN A 141 6.16 0.50 -21.07
CA ASN A 141 4.73 0.52 -20.75
C ASN A 141 4.42 -0.46 -19.61
N ILE A 142 5.14 -0.30 -18.50
CA ILE A 142 5.00 -1.13 -17.32
C ILE A 142 4.70 -0.22 -16.14
N ASN A 143 3.91 -0.73 -15.18
CA ASN A 143 3.48 0.08 -14.06
C ASN A 143 4.14 -0.39 -12.76
N ALA A 144 4.13 0.51 -11.78
CA ALA A 144 4.81 0.26 -10.51
C ALA A 144 4.16 -0.89 -9.75
N GLY A 145 2.87 -1.16 -10.00
CA GLY A 145 2.22 -2.28 -9.34
C GLY A 145 2.81 -3.62 -9.75
N LEU A 146 3.11 -3.78 -11.04
CA LEU A 146 3.80 -4.99 -11.49
C LEU A 146 5.15 -5.13 -10.80
N PHE A 147 5.84 -4.01 -10.59
CA PHE A 147 7.14 -4.05 -9.94
C PHE A 147 7.02 -4.38 -8.46
N ASP A 148 5.97 -3.87 -7.80
CA ASP A 148 5.86 -3.89 -6.34
C ASP A 148 4.99 -5.02 -5.81
N TYR A 149 4.32 -5.77 -6.67
CA TYR A 149 3.33 -6.73 -6.16
C TYR A 149 3.96 -7.88 -5.36
N PRO A 150 5.23 -8.22 -5.55
CA PRO A 150 5.83 -9.16 -4.59
C PRO A 150 5.76 -8.69 -3.15
N VAL A 151 5.92 -7.38 -2.90
CA VAL A 151 5.87 -6.88 -1.53
C VAL A 151 4.45 -7.02 -0.96
N LEU A 152 3.43 -6.67 -1.74
CA LEU A 152 2.07 -6.86 -1.28
C LEU A 152 1.78 -8.34 -1.03
N MET A 153 2.33 -9.22 -1.85
CA MET A 153 2.17 -10.65 -1.62
C MET A 153 2.77 -11.06 -0.28
N ALA A 154 3.95 -10.54 0.03
CA ALA A 154 4.58 -10.85 1.31
C ALA A 154 3.71 -10.37 2.46
N ALA A 155 3.14 -9.17 2.34
CA ALA A 155 2.25 -8.66 3.38
C ALA A 155 1.03 -9.56 3.54
N ASP A 156 0.43 -9.99 2.43
CA ASP A 156 -0.71 -10.91 2.50
C ASP A 156 -0.41 -12.09 3.41
N ILE A 157 0.78 -12.68 3.23
CA ILE A 157 1.14 -13.90 3.96
C ILE A 157 1.53 -13.59 5.40
N LEU A 158 2.43 -12.64 5.61
CA LEU A 158 2.96 -12.40 6.95
C LEU A 158 1.91 -11.86 7.90
N LEU A 159 0.84 -11.25 7.37
CA LEU A 159 -0.19 -10.65 8.24
C LEU A 159 -0.82 -11.67 9.17
N TYR A 160 -0.87 -12.94 8.75
CA TYR A 160 -1.67 -13.95 9.45
C TYR A 160 -0.82 -14.98 10.16
N GLN A 161 0.44 -14.66 10.44
CA GLN A 161 1.35 -15.60 11.10
C GLN A 161 1.37 -16.92 10.35
N THR A 162 1.37 -16.83 9.02
CA THR A 162 1.21 -17.99 8.16
C THR A 162 2.39 -18.93 8.30
N ASN A 163 2.10 -20.22 8.48
CA ASN A 163 3.13 -21.24 8.54
C ASN A 163 3.39 -21.87 7.18
N GLN A 164 2.35 -22.05 6.37
CA GLN A 164 2.48 -22.73 5.09
C GLN A 164 1.73 -21.95 4.01
N VAL A 165 2.27 -21.99 2.80
CA VAL A 165 1.64 -21.31 1.65
C VAL A 165 1.69 -22.25 0.45
N PRO A 166 0.55 -22.68 -0.08
CA PRO A 166 0.58 -23.43 -1.35
C PRO A 166 1.05 -22.53 -2.49
N VAL A 167 2.06 -22.99 -3.21
CA VAL A 167 2.69 -22.19 -4.26
C VAL A 167 3.01 -23.09 -5.44
N GLY A 168 2.73 -22.58 -6.65
CA GLY A 168 3.24 -23.21 -7.85
C GLY A 168 4.69 -22.81 -8.11
N GLU A 169 5.30 -23.49 -9.08
CA GLU A 169 6.70 -23.22 -9.38
C GLU A 169 6.92 -21.77 -9.78
N ASP A 170 5.90 -21.12 -10.35
CA ASP A 170 6.06 -19.76 -10.86
C ASP A 170 6.06 -18.71 -9.75
N GLN A 171 5.41 -19.00 -8.62
CA GLN A 171 5.40 -18.08 -7.48
C GLN A 171 6.49 -18.40 -6.46
N LYS A 172 7.37 -19.35 -6.77
CA LYS A 172 8.39 -19.76 -5.80
C LYS A 172 9.31 -18.59 -5.45
N GLN A 173 9.71 -17.80 -6.43
CA GLN A 173 10.57 -16.66 -6.15
C GLN A 173 9.89 -15.64 -5.26
N HIS A 174 8.56 -15.52 -5.38
CA HIS A 174 7.83 -14.56 -4.55
C HIS A 174 7.78 -15.01 -3.08
N LEU A 175 7.52 -16.30 -2.85
CA LEU A 175 7.50 -16.79 -1.47
C LEU A 175 8.88 -16.67 -0.82
N GLU A 176 9.94 -16.85 -1.60
CA GLU A 176 11.29 -16.70 -1.05
C GLU A 176 11.53 -15.27 -0.56
N LEU A 177 11.06 -14.27 -1.31
CA LEU A 177 11.18 -12.89 -0.86
C LEU A 177 10.43 -12.69 0.44
N SER A 178 9.22 -13.25 0.54
CA SER A 178 8.44 -13.07 1.77
C SER A 178 9.18 -13.66 2.96
N ARG A 179 9.84 -14.81 2.75
CA ARG A 179 10.65 -15.40 3.82
C ARG A 179 11.86 -14.52 4.15
N ASP A 180 12.49 -13.94 3.13
CA ASP A 180 13.66 -13.11 3.36
C ASP A 180 13.29 -11.83 4.12
N VAL A 181 12.14 -11.24 3.77
CA VAL A 181 11.70 -10.00 4.42
C VAL A 181 11.28 -10.28 5.86
N ALA A 182 10.59 -11.40 6.10
CA ALA A 182 10.23 -11.75 7.47
C ALA A 182 11.47 -11.95 8.33
N GLN A 183 12.48 -12.64 7.80
CA GLN A 183 13.72 -12.86 8.54
C GLN A 183 14.48 -11.55 8.74
N ARG A 184 14.52 -10.69 7.72
CA ARG A 184 15.21 -9.42 7.85
C ARG A 184 14.58 -8.55 8.92
N PHE A 185 13.25 -8.46 8.90
CA PHE A 185 12.52 -7.67 9.90
C PHE A 185 12.70 -8.25 11.30
N ASN A 186 12.63 -9.58 11.43
CA ASN A 186 12.75 -10.21 12.73
C ASN A 186 14.12 -9.97 13.35
N ALA A 187 15.17 -9.97 12.51
CA ALA A 187 16.51 -9.72 13.04
C ALA A 187 16.59 -8.32 13.67
N ILE A 188 15.93 -7.35 13.05
CA ILE A 188 16.00 -5.96 13.51
C ILE A 188 15.16 -5.77 14.77
N TYR A 189 13.94 -6.32 14.80
CA TYR A 189 12.95 -5.91 15.79
C TYR A 189 12.47 -7.01 16.72
N GLY A 190 12.86 -8.25 16.52
CA GLY A 190 12.34 -9.38 17.28
C GLY A 190 11.44 -10.26 16.45
N ASP A 191 11.05 -11.39 17.05
CA ASP A 191 10.28 -12.43 16.36
C ASP A 191 8.83 -11.98 16.20
N ILE A 192 8.62 -11.11 15.21
CA ILE A 192 7.31 -10.54 14.95
C ILE A 192 6.55 -11.37 13.93
N PHE A 193 7.24 -11.82 12.88
CA PHE A 193 6.67 -12.59 11.79
C PHE A 193 7.01 -14.06 11.95
N LYS A 194 6.07 -14.91 11.55
CA LYS A 194 6.39 -16.30 11.27
C LYS A 194 7.00 -16.39 9.88
N VAL A 195 8.02 -17.23 9.72
CA VAL A 195 8.67 -17.41 8.42
C VAL A 195 7.88 -18.47 7.66
N PRO A 196 7.20 -18.11 6.57
CA PRO A 196 6.37 -19.09 5.87
C PRO A 196 7.21 -20.13 5.15
N GLU A 197 6.61 -21.29 4.94
CA GLU A 197 7.24 -22.39 4.24
C GLU A 197 6.33 -22.82 3.08
N PRO A 198 6.91 -23.29 1.98
CA PRO A 198 6.07 -23.91 0.94
C PRO A 198 5.51 -25.24 1.42
N PHE A 199 4.29 -25.55 0.99
CA PHE A 199 3.61 -26.77 1.42
C PHE A 199 2.62 -27.18 0.34
N ILE A 200 3.03 -28.13 -0.51
CA ILE A 200 2.19 -28.67 -1.57
C ILE A 200 1.98 -30.16 -1.30
N PRO A 201 0.79 -30.55 -0.79
CA PRO A 201 0.51 -31.99 -0.65
C PRO A 201 0.61 -32.74 -1.97
N GLY A 204 -2.38 -34.47 -5.00
CA GLY A 204 -3.49 -35.40 -4.96
C GLY A 204 -3.63 -36.22 -6.23
N ALA A 205 -4.23 -35.63 -7.26
CA ALA A 205 -4.49 -36.30 -8.52
C ALA A 205 -3.70 -35.65 -9.65
N ARG A 206 -3.28 -36.48 -10.62
CA ARG A 206 -2.45 -36.04 -11.73
C ARG A 206 -3.32 -35.83 -12.96
N VAL A 207 -3.47 -34.57 -13.38
CA VAL A 207 -4.36 -34.19 -14.47
C VAL A 207 -3.54 -33.43 -15.50
N MET A 208 -3.37 -34.01 -16.69
CA MET A 208 -2.57 -33.45 -17.77
C MET A 208 -3.47 -32.89 -18.87
N SER A 209 -2.84 -32.16 -19.80
CA SER A 209 -3.55 -31.51 -20.89
C SER A 209 -4.11 -32.55 -21.87
N LEU A 210 -5.36 -32.33 -22.28
CA LEU A 210 -6.07 -33.34 -23.07
C LEU A 210 -5.37 -33.63 -24.39
N LEU A 211 -4.92 -32.60 -25.09
CA LEU A 211 -4.26 -32.77 -26.38
C LEU A 211 -2.74 -32.79 -26.28
N GLU A 212 -2.18 -32.61 -25.09
CA GLU A 212 -0.73 -32.64 -24.89
C GLU A 212 -0.46 -33.27 -23.53
N PRO A 213 -0.61 -34.60 -23.43
CA PRO A 213 -0.64 -35.24 -22.11
C PRO A 213 0.69 -35.22 -21.35
N THR A 214 1.76 -34.69 -21.93
CA THR A 214 3.02 -34.53 -21.19
C THR A 214 3.12 -33.19 -20.49
N LYS A 215 2.13 -32.31 -20.64
CA LYS A 215 2.12 -30.98 -20.04
C LYS A 215 0.94 -30.90 -19.09
N LYS A 216 1.18 -30.44 -17.86
CA LYS A 216 0.12 -30.37 -16.88
C LYS A 216 -0.99 -29.45 -17.35
N MET A 217 -2.24 -29.81 -17.04
CA MET A 217 -3.36 -28.94 -17.36
C MET A 217 -3.19 -27.61 -16.63
N SER A 218 -3.23 -26.51 -17.38
CA SER A 218 -3.02 -25.18 -16.84
C SER A 218 -4.17 -24.27 -17.24
N LYS A 219 -4.67 -23.50 -16.28
CA LYS A 219 -5.76 -22.57 -16.58
C LYS A 219 -5.34 -21.46 -17.53
N SER A 220 -4.04 -21.24 -17.70
CA SER A 220 -3.53 -20.16 -18.54
C SER A 220 -3.27 -20.60 -19.98
N ASP A 221 -3.63 -21.83 -20.34
CA ASP A 221 -3.34 -22.34 -21.67
C ASP A 221 -4.00 -21.49 -22.73
N ASP A 222 -3.30 -21.29 -23.85
CA ASP A 222 -3.89 -20.60 -24.99
C ASP A 222 -4.92 -21.50 -25.67
N ASN A 223 -4.61 -22.78 -25.80
CA ASN A 223 -5.52 -23.77 -26.40
C ASN A 223 -6.48 -24.25 -25.32
N ARG A 224 -7.72 -23.77 -25.37
CA ARG A 224 -8.73 -24.17 -24.39
C ARG A 224 -9.18 -25.62 -24.57
N ASN A 225 -8.88 -26.25 -25.69
CA ASN A 225 -9.21 -27.67 -25.86
C ASN A 225 -8.34 -28.57 -25.00
N ASN A 226 -7.28 -28.04 -24.39
CA ASN A 226 -6.48 -28.78 -23.42
C ASN A 226 -7.08 -28.78 -22.03
N VAL A 227 -8.06 -27.91 -21.76
CA VAL A 227 -8.50 -27.60 -20.41
C VAL A 227 -9.97 -27.95 -20.26
N ILE A 228 -10.35 -28.34 -19.05
CA ILE A 228 -11.74 -28.52 -18.67
C ILE A 228 -11.99 -27.63 -17.45
N GLY A 229 -12.81 -26.60 -17.61
CA GLY A 229 -13.15 -25.74 -16.50
C GLY A 229 -14.26 -26.32 -15.65
N LEU A 230 -14.25 -25.94 -14.37
CA LEU A 230 -15.26 -26.44 -13.45
C LEU A 230 -16.65 -25.93 -13.82
N LEU A 231 -16.74 -24.78 -14.47
CA LEU A 231 -18.00 -24.21 -14.90
C LEU A 231 -18.26 -24.41 -16.38
N GLU A 232 -17.45 -25.24 -17.05
CA GLU A 232 -17.65 -25.50 -18.46
C GLU A 232 -18.95 -26.26 -18.68
N ASP A 233 -19.67 -25.88 -19.72
CA ASP A 233 -20.90 -26.55 -20.07
C ASP A 233 -20.63 -28.04 -20.27
N PRO A 234 -21.45 -28.93 -19.71
CA PRO A 234 -21.18 -30.37 -19.89
C PRO A 234 -21.07 -30.80 -21.34
N LYS A 235 -21.84 -30.18 -22.23
CA LYS A 235 -21.79 -30.56 -23.64
C LYS A 235 -20.39 -30.38 -24.21
N SER A 236 -19.75 -29.25 -23.89
CA SER A 236 -18.38 -29.04 -24.36
C SER A 236 -17.40 -29.98 -23.66
N VAL A 237 -17.71 -30.42 -22.44
CA VAL A 237 -16.79 -31.30 -21.71
C VAL A 237 -16.65 -32.63 -22.43
N VAL A 238 -17.77 -33.24 -22.82
CA VAL A 238 -17.68 -34.53 -23.50
C VAL A 238 -16.96 -34.38 -24.83
N LYS A 239 -17.18 -33.26 -25.51
CA LYS A 239 -16.52 -33.02 -26.79
C LYS A 239 -15.00 -33.00 -26.62
N LYS A 240 -14.52 -32.28 -25.61
CA LYS A 240 -13.08 -32.18 -25.42
C LYS A 240 -12.46 -33.51 -25.04
N ILE A 241 -13.16 -34.30 -24.22
CA ILE A 241 -12.60 -35.57 -23.76
C ILE A 241 -12.55 -36.58 -24.91
N LYS A 242 -13.57 -36.57 -25.78
CA LYS A 242 -13.54 -37.44 -26.95
C LYS A 242 -12.40 -37.08 -27.90
N ARG A 243 -11.91 -35.85 -27.86
CA ARG A 243 -10.75 -35.43 -28.65
C ARG A 243 -9.42 -35.75 -27.96
N ALA A 244 -9.46 -36.22 -26.71
CA ALA A 244 -8.22 -36.41 -25.95
C ALA A 244 -7.26 -37.34 -26.69
N VAL A 245 -5.99 -36.96 -26.69
CA VAL A 245 -4.96 -37.70 -27.43
C VAL A 245 -4.71 -39.04 -26.75
N THR A 246 -4.65 -40.09 -27.57
CA THR A 246 -4.22 -41.42 -27.13
C THR A 246 -3.11 -41.89 -28.06
N ASP A 247 -2.73 -43.15 -27.98
CA ASP A 247 -1.59 -43.67 -28.71
C ASP A 247 -2.05 -44.54 -29.89
N SER A 248 -1.07 -45.00 -30.67
CA SER A 248 -1.31 -45.74 -31.90
C SER A 248 -1.16 -47.25 -31.72
N ASP A 249 -1.16 -47.74 -30.48
CA ASP A 249 -1.06 -49.18 -30.27
C ASP A 249 -2.14 -49.91 -31.05
N GLU A 250 -1.74 -50.91 -31.80
CA GLU A 250 -2.66 -51.76 -32.55
C GLU A 250 -2.48 -53.20 -32.09
N PRO A 251 -3.46 -53.80 -31.41
CA PRO A 251 -4.75 -53.23 -31.00
C PRO A 251 -4.59 -52.29 -29.82
N PRO A 252 -5.52 -51.35 -29.63
CA PRO A 252 -5.45 -50.49 -28.45
C PRO A 252 -5.37 -51.32 -27.18
N VAL A 253 -4.58 -50.86 -26.22
CA VAL A 253 -4.44 -51.48 -24.92
C VAL A 253 -4.59 -50.40 -23.85
N VAL A 254 -5.56 -50.57 -22.96
CA VAL A 254 -5.84 -49.60 -21.90
C VAL A 254 -5.05 -50.04 -20.68
N ARG A 255 -3.83 -49.50 -20.53
CA ARG A 255 -3.00 -49.76 -19.36
C ARG A 255 -2.26 -48.49 -19.01
N TYR A 256 -1.89 -48.38 -17.73
CA TYR A 256 -1.22 -47.20 -17.22
C TYR A 256 0.27 -47.30 -17.50
N ASP A 257 0.79 -46.38 -18.32
CA ASP A 257 2.21 -46.31 -18.62
C ASP A 257 2.48 -44.87 -19.06
N VAL A 258 3.07 -44.08 -18.14
CA VAL A 258 3.19 -42.64 -18.40
C VAL A 258 4.19 -42.37 -19.51
N GLN A 259 5.27 -43.15 -19.58
CA GLN A 259 6.30 -42.87 -20.58
C GLN A 259 5.84 -43.20 -22.00
N ASN A 260 5.21 -44.35 -22.18
CA ASN A 260 4.86 -44.83 -23.52
C ASN A 260 3.43 -44.51 -23.92
N LYS A 261 2.54 -44.27 -22.95
CA LYS A 261 1.12 -44.11 -23.19
C LYS A 261 0.57 -42.93 -22.39
N ALA A 262 1.23 -41.78 -22.52
CA ALA A 262 0.89 -40.62 -21.68
C ALA A 262 -0.59 -40.27 -21.78
N GLY A 263 -1.15 -40.29 -23.00
CA GLY A 263 -2.56 -39.92 -23.15
C GLY A 263 -3.50 -40.87 -22.46
N VAL A 264 -3.30 -42.18 -22.63
CA VAL A 264 -4.16 -43.16 -22.00
C VAL A 264 -4.00 -43.11 -20.49
N SER A 265 -2.77 -42.95 -20.02
CA SER A 265 -2.52 -42.85 -18.57
C SER A 265 -3.24 -41.64 -17.98
N ASN A 266 -3.25 -40.52 -18.72
CA ASN A 266 -3.92 -39.33 -18.23
C ASN A 266 -5.42 -39.56 -18.06
N LEU A 267 -6.05 -40.21 -19.03
CA LEU A 267 -7.49 -40.48 -18.91
C LEU A 267 -7.76 -41.44 -17.76
N LEU A 268 -6.87 -42.42 -17.55
CA LEU A 268 -7.01 -43.32 -16.42
C LEU A 268 -6.86 -42.58 -15.10
N ASP A 269 -5.93 -41.63 -15.03
CA ASP A 269 -5.72 -40.86 -13.81
C ASP A 269 -6.93 -39.99 -13.50
N ILE A 270 -7.49 -39.34 -14.52
CA ILE A 270 -8.68 -38.51 -14.32
C ILE A 270 -9.87 -39.35 -13.88
N LEU A 271 -10.07 -40.49 -14.52
CA LEU A 271 -11.18 -41.37 -14.14
C LEU A 271 -11.01 -41.87 -12.71
N SER A 272 -9.79 -42.26 -12.34
CA SER A 272 -9.54 -42.72 -10.97
C SER A 272 -9.77 -41.60 -9.96
N ALA A 273 -9.36 -40.38 -10.30
CA ALA A 273 -9.52 -39.27 -9.37
C ALA A 273 -10.99 -38.95 -9.13
N VAL A 274 -11.83 -39.11 -10.15
CA VAL A 274 -13.24 -38.76 -9.99
C VAL A 274 -14.01 -39.85 -9.25
N THR A 275 -13.75 -41.12 -9.58
CA THR A 275 -14.56 -42.22 -9.07
C THR A 275 -13.96 -42.92 -7.87
N GLY A 276 -12.68 -42.71 -7.57
CA GLY A 276 -12.01 -43.42 -6.50
C GLY A 276 -11.55 -44.82 -6.84
N GLN A 277 -11.88 -45.32 -8.04
CA GLN A 277 -11.39 -46.63 -8.45
C GLN A 277 -9.89 -46.57 -8.70
N SER A 278 -9.20 -47.64 -8.29
CA SER A 278 -7.76 -47.71 -8.47
C SER A 278 -7.41 -47.97 -9.93
N ILE A 279 -6.19 -47.58 -10.31
CA ILE A 279 -5.74 -47.82 -11.68
C ILE A 279 -5.80 -49.31 -12.03
N PRO A 280 -5.30 -50.23 -11.21
CA PRO A 280 -5.41 -51.65 -11.56
C PRO A 280 -6.85 -52.11 -11.80
N GLU A 281 -7.80 -51.62 -11.00
CA GLU A 281 -9.19 -52.00 -11.20
C GLU A 281 -9.72 -51.50 -12.53
N LEU A 282 -9.35 -50.27 -12.91
CA LEU A 282 -9.76 -49.74 -14.20
C LEU A 282 -9.13 -50.52 -15.35
N GLU A 283 -7.91 -50.99 -15.17
CA GLU A 283 -7.25 -51.75 -16.24
C GLU A 283 -7.98 -53.05 -16.51
N GLN A 284 -8.28 -53.82 -15.46
CA GLN A 284 -9.06 -55.03 -15.65
C GLN A 284 -10.42 -54.70 -16.27
N HIS A 285 -10.99 -53.56 -15.89
CA HIS A 285 -12.28 -53.15 -16.42
C HIS A 285 -12.23 -52.94 -17.93
N PHE A 286 -11.13 -52.36 -18.42
CA PHE A 286 -11.01 -52.03 -19.84
C PHE A 286 -10.22 -53.07 -20.63
N GLU A 287 -10.03 -54.26 -20.07
CA GLU A 287 -9.38 -55.34 -20.81
C GLU A 287 -10.18 -55.68 -22.06
N GLY A 288 -9.54 -55.56 -23.22
CA GLY A 288 -10.18 -55.85 -24.49
C GLY A 288 -10.98 -54.71 -25.09
N LYS A 289 -10.97 -53.52 -24.49
CA LYS A 289 -11.79 -52.41 -24.93
C LYS A 289 -10.96 -51.37 -25.67
N MET A 290 -11.66 -50.49 -26.39
CA MET A 290 -11.03 -49.43 -27.15
C MET A 290 -10.83 -48.19 -26.27
N TYR A 291 -9.97 -47.29 -26.74
CA TYR A 291 -9.80 -46.02 -26.05
C TYR A 291 -11.10 -45.21 -26.03
N GLY A 292 -11.99 -45.45 -27.01
CA GLY A 292 -13.27 -44.77 -27.00
C GLY A 292 -14.09 -45.07 -25.77
N HIS A 293 -14.00 -46.31 -25.27
CA HIS A 293 -14.74 -46.67 -24.06
C HIS A 293 -14.18 -45.94 -22.85
N LEU A 294 -12.86 -45.84 -22.76
CA LEU A 294 -12.23 -45.08 -21.68
C LEU A 294 -12.65 -43.61 -21.74
N LYS A 295 -12.66 -43.04 -22.94
CA LYS A 295 -13.09 -41.65 -23.09
C LYS A 295 -14.55 -41.47 -22.70
N GLY A 296 -15.40 -42.44 -23.06
CA GLY A 296 -16.80 -42.33 -22.71
C GLY A 296 -17.04 -42.31 -21.20
N GLU A 297 -16.38 -43.22 -20.48
CA GLU A 297 -16.55 -43.26 -19.03
C GLU A 297 -15.93 -42.04 -18.37
N VAL A 298 -14.78 -41.58 -18.87
CA VAL A 298 -14.18 -40.35 -18.34
C VAL A 298 -15.15 -39.19 -18.53
N ALA A 299 -15.76 -39.08 -19.71
CA ALA A 299 -16.63 -37.95 -19.98
C ALA A 299 -17.82 -37.92 -19.05
N GLU A 300 -18.47 -39.06 -18.83
CA GLU A 300 -19.64 -39.07 -17.96
C GLU A 300 -19.26 -38.94 -16.48
N ALA A 301 -18.08 -39.42 -16.09
CA ALA A 301 -17.64 -39.22 -14.71
C ALA A 301 -17.37 -37.75 -14.44
N VAL A 302 -16.61 -37.10 -15.33
CA VAL A 302 -16.29 -35.69 -15.14
C VAL A 302 -17.56 -34.84 -15.25
N SER A 303 -18.41 -35.14 -16.23
CA SER A 303 -19.63 -34.36 -16.41
C SER A 303 -20.52 -34.44 -15.17
N GLY A 304 -20.62 -35.62 -14.58
CA GLY A 304 -21.38 -35.75 -13.34
C GLY A 304 -20.77 -34.97 -12.19
N MET A 305 -19.44 -34.96 -12.10
CA MET A 305 -18.78 -34.20 -11.04
C MET A 305 -19.01 -32.71 -11.22
N LEU A 306 -18.93 -32.21 -12.46
CA LEU A 306 -19.16 -30.79 -12.70
C LEU A 306 -20.63 -30.44 -12.52
N THR A 307 -21.52 -31.40 -12.75
CA THR A 307 -22.95 -31.15 -12.54
C THR A 307 -23.26 -30.88 -11.08
N GLU A 308 -22.70 -31.69 -10.17
CA GLU A 308 -22.90 -31.45 -8.75
C GLU A 308 -22.31 -30.11 -8.33
N LEU A 309 -21.09 -29.81 -8.80
CA LEU A 309 -20.45 -28.55 -8.41
C LEU A 309 -21.22 -27.36 -8.97
N GLN A 310 -21.76 -27.49 -10.18
CA GLN A 310 -22.43 -26.36 -10.82
C GLN A 310 -23.80 -26.09 -10.21
N GLU A 311 -24.47 -27.14 -9.70
CA GLU A 311 -25.72 -26.91 -8.98
C GLU A 311 -25.48 -26.05 -7.75
N ARG A 312 -24.44 -26.36 -6.99
CA ARG A 312 -24.11 -25.53 -5.83
C ARG A 312 -23.68 -24.14 -6.26
N TYR A 313 -22.90 -24.04 -7.34
CA TYR A 313 -22.39 -22.75 -7.77
C TYR A 313 -23.52 -21.79 -8.11
N HIS A 314 -24.52 -22.25 -8.85
CA HIS A 314 -25.60 -21.35 -9.24
C HIS A 314 -26.47 -20.96 -8.05
N ARG A 315 -26.67 -21.87 -7.11
CA ARG A 315 -27.35 -21.51 -5.86
C ARG A 315 -26.64 -20.35 -5.18
N PHE A 316 -25.33 -20.48 -4.96
CA PHE A 316 -24.58 -19.44 -4.25
C PHE A 316 -24.46 -18.17 -5.07
N ARG A 317 -24.19 -18.31 -6.37
CA ARG A 317 -23.86 -17.16 -7.20
C ARG A 317 -25.05 -16.27 -7.50
N ASN A 318 -26.27 -16.81 -7.45
CA ASN A 318 -27.47 -16.03 -7.70
C ASN A 318 -28.07 -15.43 -6.42
N ASP A 319 -27.43 -15.64 -5.27
CA ASP A 319 -27.85 -15.04 -4.00
C ASP A 319 -26.73 -14.10 -3.56
N GLU A 320 -26.75 -12.87 -4.08
CA GLU A 320 -25.67 -11.95 -3.79
C GLU A 320 -25.74 -11.41 -2.37
N ALA A 321 -26.91 -11.48 -1.72
CA ALA A 321 -26.99 -11.15 -0.31
C ALA A 321 -26.23 -12.16 0.53
N PHE A 322 -26.32 -13.45 0.18
CA PHE A 322 -25.53 -14.46 0.86
C PHE A 322 -24.04 -14.23 0.64
N LEU A 323 -23.65 -13.93 -0.61
CA LEU A 323 -22.25 -13.66 -0.91
C LEU A 323 -21.74 -12.46 -0.12
N ASN A 324 -22.57 -11.42 0.00
CA ASN A 324 -22.16 -10.23 0.75
C ASN A 324 -21.93 -10.56 2.21
N GLN A 325 -22.81 -11.39 2.80
CA GLN A 325 -22.62 -11.79 4.19
C GLN A 325 -21.37 -12.63 4.37
N VAL A 326 -21.07 -13.51 3.41
CA VAL A 326 -19.83 -14.27 3.49
C VAL A 326 -18.63 -13.33 3.42
N MET A 327 -18.65 -12.38 2.49
CA MET A 327 -17.56 -11.43 2.36
C MET A 327 -17.41 -10.58 3.61
N LYS A 328 -18.53 -10.15 4.20
CA LYS A 328 -18.46 -9.29 5.37
C LYS A 328 -17.86 -10.04 6.56
N GLU A 329 -18.40 -11.22 6.87
CA GLU A 329 -17.87 -12.00 7.99
C GLU A 329 -16.44 -12.43 7.74
N GLY A 330 -16.12 -12.79 6.49
CA GLY A 330 -14.75 -13.17 6.19
C GLY A 330 -13.77 -12.03 6.39
N ALA A 331 -14.13 -10.83 5.95
CA ALA A 331 -13.25 -9.69 6.11
C ALA A 331 -13.10 -9.29 7.57
N GLU A 332 -14.13 -9.52 8.39
CA GLU A 332 -14.04 -9.19 9.80
C GLU A 332 -13.14 -10.17 10.54
N LYS A 333 -13.26 -11.47 10.24
CA LYS A 333 -12.29 -12.42 10.78
C LYS A 333 -10.89 -12.09 10.31
N ALA A 334 -10.74 -11.77 9.03
CA ALA A 334 -9.42 -11.48 8.49
C ALA A 334 -8.81 -10.25 9.15
N SER A 335 -9.58 -9.18 9.28
CA SER A 335 -9.06 -7.95 9.87
C SER A 335 -8.72 -8.12 11.34
N ALA A 336 -9.51 -8.92 12.07
CA ALA A 336 -9.24 -9.13 13.48
C ALA A 336 -7.90 -9.83 13.70
N HIS A 337 -7.61 -10.85 12.89
CA HIS A 337 -6.31 -11.51 12.98
C HIS A 337 -5.20 -10.61 12.45
N ALA A 338 -5.42 -10.00 11.29
CA ALA A 338 -4.38 -9.22 10.63
C ALA A 338 -3.95 -8.02 11.46
N SER A 339 -4.91 -7.33 12.09
CA SER A 339 -4.58 -6.11 12.80
C SER A 339 -3.70 -6.35 14.01
N LYS A 340 -3.71 -7.57 14.57
CA LYS A 340 -2.78 -7.89 15.65
C LYS A 340 -1.35 -7.83 15.16
N THR A 341 -1.07 -8.37 13.97
CA THR A 341 0.29 -8.35 13.45
C THR A 341 0.68 -6.95 12.98
N LEU A 342 -0.25 -6.24 12.35
CA LEU A 342 0.05 -4.88 11.92
C LEU A 342 0.36 -3.98 13.10
N LYS A 343 -0.39 -4.13 14.20
CA LYS A 343 -0.15 -3.30 15.37
C LYS A 343 1.21 -3.58 15.97
N ALA A 344 1.63 -4.85 15.98
CA ALA A 344 2.96 -5.21 16.45
C ALA A 344 4.04 -4.65 15.51
N VAL A 345 3.78 -4.65 14.21
CA VAL A 345 4.74 -4.10 13.26
C VAL A 345 4.90 -2.61 13.48
N TYR A 346 3.79 -1.89 13.61
CA TYR A 346 3.85 -0.44 13.78
C TYR A 346 4.54 -0.07 15.10
N GLU A 347 4.31 -0.85 16.15
CA GLU A 347 4.96 -0.56 17.42
C GLU A 347 6.47 -0.74 17.32
N ALA A 348 6.92 -1.83 16.69
CA ALA A 348 8.35 -2.05 16.54
C ALA A 348 9.00 -0.98 15.70
N ILE A 349 8.34 -0.57 14.60
CA ILE A 349 8.90 0.45 13.71
C ILE A 349 9.05 1.78 14.43
N GLY A 350 8.14 2.09 15.35
CA GLY A 350 8.13 3.36 16.03
C GLY A 350 7.02 4.31 15.66
N PHE A 351 5.97 3.84 15.00
CA PHE A 351 4.78 4.67 14.80
C PHE A 351 4.08 4.88 16.14
N VAL A 352 3.54 6.08 16.33
CA VAL A 352 2.64 6.32 17.44
C VAL A 352 1.41 5.43 17.27
N ALA A 353 1.05 4.71 18.33
CA ALA A 353 -0.09 3.83 18.25
C ALA A 353 -1.37 4.63 18.01
N LYS A 354 -2.23 4.11 17.15
CA LYS A 354 -3.50 4.76 16.88
C LYS A 354 -4.36 4.70 18.14
N PRO A 355 -4.85 5.85 18.66
CA PRO A 355 -5.70 5.81 19.86
C PRO A 355 -7.08 5.24 19.60
N THR B 23 -17.18 26.04 -2.26
CA THR B 23 -16.79 26.50 -0.93
C THR B 23 -15.27 26.68 -0.85
N LYS B 24 -14.70 26.45 0.33
CA LYS B 24 -13.28 26.77 0.54
C LYS B 24 -12.40 25.79 -0.24
N PRO B 25 -11.31 26.27 -0.84
CA PRO B 25 -10.36 25.34 -1.46
C PRO B 25 -9.66 24.50 -0.40
N ILE B 26 -9.34 23.27 -0.77
CA ILE B 26 -8.70 22.31 0.13
C ILE B 26 -7.19 22.38 -0.09
N VAL B 27 -6.46 22.55 1.00
CA VAL B 27 -4.99 22.58 0.96
C VAL B 27 -4.49 21.39 1.76
N PHE B 28 -3.58 20.62 1.15
CA PHE B 28 -2.97 19.48 1.83
C PHE B 28 -1.49 19.78 2.03
N SER B 29 -1.03 19.57 3.26
CA SER B 29 0.36 19.79 3.61
C SER B 29 0.84 18.56 4.36
N GLY B 30 1.97 18.00 3.91
CA GLY B 30 2.63 16.93 4.63
C GLY B 30 3.75 17.49 5.48
N ALA B 31 3.74 17.10 6.75
CA ALA B 31 4.74 17.53 7.72
C ALA B 31 5.56 16.30 8.13
N GLN B 32 6.84 16.32 7.81
CA GLN B 32 7.71 15.24 8.24
C GLN B 32 7.81 15.25 9.77
N PRO B 33 7.83 14.09 10.42
CA PRO B 33 8.00 14.08 11.88
C PRO B 33 9.43 14.42 12.29
N SER B 34 9.73 15.71 12.37
CA SER B 34 11.06 16.19 12.73
C SER B 34 11.07 16.98 14.02
N GLY B 35 10.09 17.85 14.24
CA GLY B 35 9.93 18.55 15.51
C GLY B 35 10.79 19.78 15.68
N GLU B 36 11.93 19.86 15.00
CA GLU B 36 12.87 20.96 15.17
C GLU B 36 12.68 21.97 14.05
N LEU B 37 11.62 22.77 14.17
CA LEU B 37 11.37 23.84 13.22
C LEU B 37 12.18 25.08 13.58
N THR B 38 12.46 25.90 12.57
CA THR B 38 13.16 27.17 12.76
C THR B 38 12.17 28.31 12.59
N ILE B 39 12.58 29.50 13.04
CA ILE B 39 11.74 30.67 12.83
C ILE B 39 11.58 30.94 11.35
N GLY B 40 12.53 30.48 10.53
CA GLY B 40 12.36 30.60 9.09
C GLY B 40 11.20 29.78 8.58
N ASN B 41 11.07 28.55 9.08
CA ASN B 41 9.90 27.73 8.74
C ASN B 41 8.62 28.41 9.22
N TYR B 42 8.63 28.94 10.44
CA TYR B 42 7.41 29.44 11.05
C TYR B 42 6.95 30.72 10.38
N MET B 43 7.80 31.74 10.36
CA MET B 43 7.39 33.03 9.82
C MET B 43 7.34 33.04 8.30
N GLY B 44 7.92 32.05 7.64
CA GLY B 44 7.84 31.95 6.20
C GLY B 44 6.57 31.26 5.75
N ALA B 45 6.29 30.08 6.29
CA ALA B 45 5.18 29.25 5.85
C ALA B 45 4.11 29.05 6.92
N LEU B 46 4.47 28.47 8.07
CA LEU B 46 3.44 27.93 8.97
C LEU B 46 2.59 29.03 9.60
N ARG B 47 3.15 30.20 9.84
CA ARG B 47 2.38 31.25 10.51
C ARG B 47 1.33 31.82 9.58
N GLN B 48 1.69 32.07 8.32
CA GLN B 48 0.70 32.48 7.34
C GLN B 48 -0.34 31.39 7.15
N TRP B 49 0.10 30.12 7.11
CA TRP B 49 -0.82 29.00 7.05
C TRP B 49 -1.83 29.05 8.19
N VAL B 50 -1.35 29.36 9.40
CA VAL B 50 -2.22 29.37 10.57
C VAL B 50 -3.33 30.42 10.39
N ASN B 51 -3.00 31.55 9.76
CA ASN B 51 -3.96 32.61 9.55
C ASN B 51 -4.91 32.35 8.39
N MET B 52 -4.69 31.29 7.61
CA MET B 52 -5.51 30.97 6.45
C MET B 52 -6.49 29.84 6.71
N GLN B 53 -6.66 29.43 7.98
CA GLN B 53 -7.47 28.26 8.29
C GLN B 53 -8.96 28.47 8.06
N ASP B 54 -9.41 29.71 7.85
CA ASP B 54 -10.82 29.97 7.57
C ASP B 54 -11.07 30.37 6.13
N ASP B 55 -10.03 30.70 5.37
CA ASP B 55 -10.18 30.87 3.93
C ASP B 55 -9.95 29.57 3.17
N TYR B 56 -9.45 28.54 3.85
CA TYR B 56 -9.15 27.25 3.24
C TYR B 56 -9.56 26.13 4.18
N HIS B 57 -9.83 24.96 3.60
CA HIS B 57 -9.99 23.72 4.35
C HIS B 57 -8.60 23.08 4.40
N CYS B 58 -7.88 23.36 5.49
CA CYS B 58 -6.47 23.00 5.59
C CYS B 58 -6.30 21.62 6.22
N ILE B 59 -5.46 20.80 5.60
CA ILE B 59 -5.20 19.44 6.05
C ILE B 59 -3.70 19.33 6.30
N TYR B 60 -3.33 18.89 7.50
CA TYR B 60 -1.95 18.72 7.90
C TYR B 60 -1.75 17.26 8.26
N CYS B 61 -0.89 16.58 7.53
CA CYS B 61 -0.67 15.15 7.68
C CYS B 61 0.76 14.91 8.13
N ILE B 62 0.93 14.37 9.33
CA ILE B 62 2.27 14.03 9.83
C ILE B 62 2.66 12.70 9.22
N VAL B 63 3.62 12.72 8.30
CA VAL B 63 3.82 11.61 7.36
C VAL B 63 4.87 10.68 7.98
N ASP B 64 4.42 9.85 8.91
CA ASP B 64 5.34 8.87 9.48
C ASP B 64 5.61 7.72 8.51
N GLN B 65 4.65 7.39 7.65
CA GLN B 65 4.89 6.32 6.67
C GLN B 65 5.96 6.72 5.66
N HIS B 66 6.04 8.01 5.31
CA HIS B 66 7.16 8.47 4.49
C HIS B 66 8.47 8.48 5.26
N ALA B 67 8.41 8.63 6.59
CA ALA B 67 9.63 8.76 7.37
C ALA B 67 10.46 7.49 7.35
N ILE B 68 9.82 6.32 7.24
CA ILE B 68 10.53 5.05 7.34
C ILE B 68 11.10 4.62 6.00
N THR B 69 11.03 5.48 4.99
CA THR B 69 11.77 5.22 3.76
C THR B 69 13.27 5.36 3.97
N VAL B 70 13.68 6.03 5.05
CA VAL B 70 15.04 5.98 5.53
C VAL B 70 15.01 5.36 6.92
N ARG B 71 16.11 4.71 7.30
CA ARG B 71 16.15 4.00 8.57
C ARG B 71 15.90 4.98 9.72
N GLN B 72 14.94 4.63 10.58
CA GLN B 72 14.56 5.48 11.70
C GLN B 72 14.76 4.71 13.00
N ASP B 73 15.29 5.39 14.01
CA ASP B 73 15.30 4.81 15.34
C ASP B 73 13.87 4.80 15.86
N PRO B 74 13.35 3.66 16.31
CA PRO B 74 11.92 3.62 16.68
C PRO B 74 11.53 4.65 17.72
N GLN B 75 12.31 4.80 18.79
CA GLN B 75 11.93 5.73 19.84
C GLN B 75 11.97 7.17 19.34
N ASN B 76 12.96 7.51 18.52
CA ASN B 76 13.04 8.87 18.02
C ASN B 76 11.90 9.18 17.06
N LEU B 77 11.48 8.21 16.25
CA LEU B 77 10.36 8.44 15.36
C LEU B 77 9.07 8.68 16.13
N ARG B 78 8.83 7.88 17.17
CA ARG B 78 7.64 8.07 17.99
C ARG B 78 7.67 9.43 18.69
N LYS B 79 8.80 9.79 19.26
CA LYS B 79 8.92 11.08 19.94
C LYS B 79 8.74 12.23 18.96
N ALA B 80 9.33 12.12 17.78
CA ALA B 80 9.31 13.23 16.82
C ALA B 80 7.92 13.40 16.22
N THR B 81 7.15 12.32 16.11
CA THR B 81 5.77 12.45 15.67
C THR B 81 4.98 13.31 16.64
N LEU B 82 5.13 13.06 17.94
CA LEU B 82 4.42 13.83 18.96
C LEU B 82 4.97 15.25 19.06
N ASP B 83 6.28 15.42 18.89
CA ASP B 83 6.86 16.76 18.88
C ASP B 83 6.21 17.62 17.80
N THR B 84 6.10 17.06 16.59
CA THR B 84 5.53 17.81 15.46
C THR B 84 4.07 18.18 15.73
N LEU B 85 3.29 17.23 16.27
CA LEU B 85 1.89 17.51 16.53
C LEU B 85 1.75 18.65 17.54
N ALA B 86 2.44 18.53 18.68
CA ALA B 86 2.36 19.56 19.71
C ALA B 86 2.83 20.90 19.19
N LEU B 87 3.85 20.91 18.32
CA LEU B 87 4.38 22.17 17.83
C LEU B 87 3.42 22.84 16.85
N TYR B 88 2.79 22.04 15.98
CA TYR B 88 1.82 22.61 15.05
C TYR B 88 0.63 23.21 15.80
N LEU B 89 0.16 22.52 16.84
CA LEU B 89 -0.90 23.07 17.68
C LEU B 89 -0.44 24.36 18.37
N ALA B 90 0.80 24.37 18.87
CA ALA B 90 1.30 25.55 19.58
C ALA B 90 1.35 26.76 18.67
N CYS B 91 1.71 26.56 17.39
CA CYS B 91 1.73 27.66 16.43
C CYS B 91 0.34 28.15 16.05
N GLY B 92 -0.71 27.39 16.39
CA GLY B 92 -2.06 27.85 16.20
C GLY B 92 -2.92 27.01 15.26
N ILE B 93 -2.39 25.87 14.79
CA ILE B 93 -3.22 24.97 14.01
C ILE B 93 -4.36 24.47 14.90
N ASP B 94 -5.60 24.73 14.47
CA ASP B 94 -6.79 24.44 15.27
C ASP B 94 -7.38 23.11 14.83
N PRO B 95 -7.41 22.07 15.67
CA PRO B 95 -7.88 20.75 15.19
C PRO B 95 -9.37 20.69 14.90
N GLN B 96 -10.13 21.74 15.23
CA GLN B 96 -11.54 21.81 14.87
C GLN B 96 -11.76 22.51 13.54
N LYS B 97 -10.99 23.57 13.26
CA LYS B 97 -11.09 24.26 11.98
C LYS B 97 -10.38 23.48 10.87
N SER B 98 -9.28 22.81 11.19
CA SER B 98 -8.47 22.09 10.24
C SER B 98 -8.46 20.61 10.61
N THR B 99 -7.93 19.80 9.71
CA THR B 99 -7.76 18.37 9.93
C THR B 99 -6.27 18.10 10.12
N ILE B 100 -5.88 17.69 11.32
CA ILE B 100 -4.49 17.39 11.63
C ILE B 100 -4.45 15.97 12.21
N PHE B 101 -3.57 15.14 11.65
CA PHE B 101 -3.60 13.72 11.99
C PHE B 101 -2.26 13.09 11.65
N VAL B 102 -2.07 11.88 12.16
CA VAL B 102 -0.88 11.08 11.85
C VAL B 102 -1.22 10.15 10.70
N GLN B 103 -0.33 10.12 9.71
CA GLN B 103 -0.63 9.44 8.44
C GLN B 103 -0.96 7.97 8.66
N SER B 104 -0.19 7.27 9.51
CA SER B 104 -0.40 5.84 9.69
C SER B 104 -1.74 5.53 10.35
N HIS B 105 -2.37 6.51 10.99
CA HIS B 105 -3.66 6.31 11.62
C HIS B 105 -4.82 6.27 10.63
N VAL B 106 -4.58 6.63 9.37
CA VAL B 106 -5.61 6.66 8.34
C VAL B 106 -5.26 5.62 7.28
N PRO B 107 -5.87 4.43 7.33
CA PRO B 107 -5.48 3.38 6.39
C PRO B 107 -5.67 3.75 4.93
N GLU B 108 -6.55 4.71 4.63
CA GLU B 108 -6.86 5.02 3.25
C GLU B 108 -5.63 5.49 2.47
N HIS B 109 -4.62 6.01 3.17
CA HIS B 109 -3.42 6.47 2.48
C HIS B 109 -2.67 5.31 1.84
N ALA B 110 -2.41 4.25 2.61
CA ALA B 110 -1.74 3.09 2.03
C ALA B 110 -2.62 2.41 0.98
N GLN B 111 -3.94 2.37 1.21
CA GLN B 111 -4.84 1.70 0.28
C GLN B 111 -4.81 2.36 -1.09
N LEU B 112 -5.02 3.68 -1.14
CA LEU B 112 -4.94 4.38 -2.40
C LEU B 112 -3.52 4.39 -2.93
N GLY B 113 -2.52 4.39 -2.04
CA GLY B 113 -1.14 4.31 -2.47
C GLY B 113 -0.87 3.08 -3.31
N TRP B 114 -1.41 1.93 -2.90
CA TRP B 114 -1.22 0.73 -3.70
C TRP B 114 -1.96 0.82 -5.02
N ALA B 115 -3.24 1.25 -4.98
CA ALA B 115 -4.02 1.29 -6.21
C ALA B 115 -3.37 2.19 -7.24
N LEU B 116 -2.82 3.32 -6.81
CA LEU B 116 -2.19 4.25 -7.74
C LEU B 116 -0.85 3.74 -8.27
N ASN B 117 -0.22 2.78 -7.58
CA ASN B 117 0.95 2.13 -8.16
C ASN B 117 0.63 1.55 -9.53
N CYS B 118 -0.58 1.02 -9.68
CA CYS B 118 -0.98 0.35 -10.91
C CYS B 118 -1.27 1.32 -12.05
N TYR B 119 -1.37 2.61 -11.75
CA TYR B 119 -1.58 3.64 -12.76
C TYR B 119 -0.37 4.59 -12.85
N THR B 120 0.75 4.19 -12.27
CA THR B 120 2.00 4.93 -12.34
C THR B 120 2.99 4.13 -13.17
N TYR B 121 3.65 4.78 -14.12
CA TYR B 121 4.67 4.12 -14.92
C TYR B 121 5.95 3.91 -14.09
N PHE B 122 6.55 2.73 -14.24
CA PHE B 122 7.83 2.46 -13.58
C PHE B 122 8.87 3.47 -13.98
N GLY B 123 8.87 3.89 -15.25
CA GLY B 123 9.84 4.87 -15.71
C GLY B 123 9.62 6.24 -15.12
N GLU B 124 8.40 6.55 -14.73
CA GLU B 124 8.14 7.82 -14.07
C GLU B 124 8.86 7.89 -12.73
N LEU B 125 8.87 6.77 -11.99
CA LEU B 125 9.52 6.73 -10.69
C LEU B 125 11.04 6.68 -10.81
N SER B 126 11.56 5.95 -11.81
CA SER B 126 13.01 5.87 -11.96
C SER B 126 13.60 7.18 -12.45
N ARG B 127 12.83 7.95 -13.21
CA ARG B 127 13.29 9.24 -13.74
C ARG B 127 13.23 10.35 -12.70
N MET B 128 12.78 10.06 -11.48
CA MET B 128 12.72 11.06 -10.43
C MET B 128 14.13 11.52 -10.07
N THR B 129 14.33 12.84 -10.03
CA THR B 129 15.67 13.38 -9.77
C THR B 129 16.15 13.01 -8.38
N GLN B 130 15.29 13.16 -7.37
CA GLN B 130 15.68 12.79 -6.01
C GLN B 130 16.14 11.34 -5.96
N PHE B 131 15.46 10.47 -6.69
CA PHE B 131 15.88 9.07 -6.83
C PHE B 131 16.95 8.95 -7.91
N ILE B 142 19.26 0.94 -1.57
CA ILE B 142 18.03 1.68 -1.86
C ILE B 142 16.84 0.74 -1.76
N ASN B 143 15.96 1.00 -0.79
CA ASN B 143 14.79 0.15 -0.60
C ASN B 143 13.65 0.60 -1.49
N ALA B 144 12.65 -0.28 -1.64
CA ALA B 144 11.55 0.00 -2.56
C ALA B 144 10.69 1.16 -2.08
N GLY B 145 10.64 1.41 -0.77
CA GLY B 145 9.88 2.55 -0.28
C GLY B 145 10.42 3.87 -0.78
N LEU B 146 11.75 4.03 -0.78
CA LEU B 146 12.34 5.26 -1.29
C LEU B 146 12.03 5.43 -2.77
N PHE B 147 11.91 4.31 -3.51
CA PHE B 147 11.59 4.37 -4.93
C PHE B 147 10.12 4.70 -5.14
N ASP B 148 9.24 4.18 -4.28
CA ASP B 148 7.80 4.22 -4.50
C ASP B 148 7.10 5.34 -3.74
N TYR B 149 7.82 6.10 -2.91
CA TYR B 149 7.12 7.03 -2.02
C TYR B 149 6.43 8.16 -2.81
N PRO B 150 6.89 8.53 -4.02
CA PRO B 150 6.11 9.51 -4.79
C PRO B 150 4.68 9.06 -5.09
N VAL B 151 4.46 7.76 -5.26
CA VAL B 151 3.09 7.27 -5.45
C VAL B 151 2.28 7.47 -4.18
N LEU B 152 2.85 7.14 -3.03
CA LEU B 152 2.14 7.34 -1.76
C LEU B 152 1.84 8.81 -1.53
N MET B 153 2.76 9.69 -1.90
CA MET B 153 2.53 11.12 -1.80
C MET B 153 1.39 11.57 -2.70
N ALA B 154 1.28 11.00 -3.90
CA ALA B 154 0.14 11.30 -4.75
C ALA B 154 -1.15 10.85 -4.11
N ALA B 155 -1.15 9.65 -3.50
CA ALA B 155 -2.33 9.19 -2.78
C ALA B 155 -2.68 10.13 -1.62
N ASP B 156 -1.68 10.55 -0.86
CA ASP B 156 -1.92 11.48 0.25
C ASP B 156 -2.73 12.68 -0.24
N ILE B 157 -2.33 13.24 -1.37
CA ILE B 157 -2.93 14.46 -1.88
C ILE B 157 -4.32 14.19 -2.45
N LEU B 158 -4.42 13.21 -3.37
CA LEU B 158 -5.65 13.02 -4.11
C LEU B 158 -6.79 12.48 -3.25
N LEU B 159 -6.47 11.87 -2.11
CA LEU B 159 -7.51 11.32 -1.23
C LEU B 159 -8.51 12.38 -0.82
N TYR B 160 -8.06 13.61 -0.61
CA TYR B 160 -8.87 14.65 0.00
C TYR B 160 -9.42 15.65 -1.00
N GLN B 161 -9.43 15.30 -2.29
CA GLN B 161 -9.91 16.22 -3.33
C GLN B 161 -9.15 17.54 -3.24
N THR B 162 -7.84 17.45 -3.03
CA THR B 162 -7.03 18.62 -2.74
C THR B 162 -6.97 19.56 -3.94
N ASN B 163 -7.14 20.85 -3.68
CA ASN B 163 -7.00 21.89 -4.69
C ASN B 163 -5.58 22.45 -4.77
N GLN B 164 -4.90 22.59 -3.64
CA GLN B 164 -3.60 23.23 -3.61
C GLN B 164 -2.68 22.50 -2.64
N VAL B 165 -1.38 22.46 -2.98
CA VAL B 165 -0.38 21.80 -2.16
C VAL B 165 0.82 22.73 -2.04
N PRO B 166 1.21 23.14 -0.83
CA PRO B 166 2.45 23.92 -0.68
C PRO B 166 3.66 23.00 -0.69
N VAL B 167 4.51 23.16 -1.71
CA VAL B 167 5.65 22.28 -1.93
C VAL B 167 6.91 23.12 -2.08
N GLY B 168 8.00 22.65 -1.47
CA GLY B 168 9.30 23.22 -1.76
C GLY B 168 9.75 22.87 -3.15
N GLU B 169 10.78 23.59 -3.61
CA GLU B 169 11.30 23.35 -4.96
C GLU B 169 11.75 21.91 -5.13
N ASP B 170 12.15 21.25 -4.04
CA ASP B 170 12.63 19.87 -4.14
C ASP B 170 11.50 18.88 -4.41
N GLN B 171 10.26 19.25 -4.14
CA GLN B 171 9.12 18.37 -4.35
C GLN B 171 8.29 18.75 -5.56
N LYS B 172 8.71 19.74 -6.34
CA LYS B 172 7.91 20.17 -7.48
C LYS B 172 7.66 19.02 -8.43
N GLN B 173 8.67 18.17 -8.64
CA GLN B 173 8.51 17.02 -9.53
C GLN B 173 7.53 16.01 -8.96
N HIS B 174 7.49 15.86 -7.63
CA HIS B 174 6.53 14.95 -7.02
C HIS B 174 5.09 15.43 -7.24
N LEU B 175 4.85 16.73 -7.05
CA LEU B 175 3.51 17.26 -7.27
C LEU B 175 3.08 17.07 -8.72
N GLU B 176 4.02 17.22 -9.65
CA GLU B 176 3.68 17.06 -11.06
C GLU B 176 3.32 15.61 -11.38
N LEU B 177 3.95 14.64 -10.72
CA LEU B 177 3.54 13.26 -10.88
C LEU B 177 2.12 13.06 -10.39
N SER B 178 1.76 13.66 -9.25
CA SER B 178 0.41 13.49 -8.72
C SER B 178 -0.62 14.08 -9.68
N ARG B 179 -0.29 15.18 -10.34
CA ARG B 179 -1.19 15.73 -11.36
C ARG B 179 -1.31 14.79 -12.55
N ASP B 180 -0.19 14.24 -13.02
CA ASP B 180 -0.24 13.32 -14.16
C ASP B 180 -1.04 12.06 -13.84
N VAL B 181 -0.85 11.50 -12.63
CA VAL B 181 -1.56 10.28 -12.28
C VAL B 181 -3.04 10.56 -12.11
N ALA B 182 -3.41 11.72 -11.56
CA ALA B 182 -4.81 12.05 -11.40
C ALA B 182 -5.49 12.20 -12.75
N GLN B 183 -4.85 12.90 -13.70
CA GLN B 183 -5.42 13.09 -15.01
C GLN B 183 -5.50 11.76 -15.77
N ARG B 184 -4.48 10.92 -15.62
CA ARG B 184 -4.48 9.61 -16.27
C ARG B 184 -5.61 8.74 -15.74
N PHE B 185 -5.80 8.72 -14.42
CA PHE B 185 -6.90 7.93 -13.86
C PHE B 185 -8.25 8.50 -14.27
N ASN B 186 -8.41 9.82 -14.26
CA ASN B 186 -9.67 10.42 -14.66
C ASN B 186 -10.02 10.11 -16.11
N ALA B 187 -9.01 10.11 -16.98
CA ALA B 187 -9.26 9.82 -18.39
C ALA B 187 -9.73 8.39 -18.59
N ILE B 188 -9.36 7.48 -17.68
CA ILE B 188 -9.77 6.09 -17.81
C ILE B 188 -11.16 5.86 -17.23
N TYR B 189 -11.45 6.49 -16.09
CA TYR B 189 -12.60 6.11 -15.28
C TYR B 189 -13.62 7.21 -15.07
N GLY B 190 -13.36 8.44 -15.49
CA GLY B 190 -14.18 9.57 -15.15
C GLY B 190 -13.52 10.44 -14.10
N ASP B 191 -14.11 11.62 -13.89
CA ASP B 191 -13.50 12.65 -13.06
C ASP B 191 -13.70 12.29 -11.59
N ILE B 192 -12.80 11.43 -11.11
CA ILE B 192 -12.80 10.96 -9.73
C ILE B 192 -11.93 11.84 -8.84
N PHE B 193 -10.78 12.27 -9.36
CA PHE B 193 -9.82 13.08 -8.65
C PHE B 193 -9.92 14.53 -9.10
N LYS B 194 -9.67 15.44 -8.18
CA LYS B 194 -9.36 16.81 -8.57
C LYS B 194 -7.87 16.91 -8.81
N VAL B 195 -7.50 17.64 -9.86
CA VAL B 195 -6.11 17.80 -10.25
C VAL B 195 -5.51 18.91 -9.39
N PRO B 196 -4.57 18.61 -8.49
CA PRO B 196 -4.06 19.64 -7.59
C PRO B 196 -3.12 20.61 -8.28
N GLU B 197 -3.02 21.81 -7.70
CA GLU B 197 -2.15 22.89 -8.14
C GLU B 197 -1.14 23.22 -7.05
N PRO B 198 0.04 23.71 -7.40
CA PRO B 198 0.94 24.25 -6.36
C PRO B 198 0.31 25.47 -5.69
N PHE B 199 0.51 25.57 -4.38
CA PHE B 199 -0.11 26.63 -3.59
C PHE B 199 0.76 27.88 -3.56
N ALA B 205 8.26 36.70 3.93
CA ALA B 205 9.18 36.46 5.05
C ALA B 205 10.44 35.73 4.57
N ARG B 206 11.56 36.45 4.54
CA ARG B 206 12.83 35.93 4.03
C ARG B 206 13.82 35.87 5.20
N VAL B 207 13.94 34.70 5.81
CA VAL B 207 14.83 34.49 6.94
C VAL B 207 16.03 33.69 6.45
N MET B 208 17.21 34.28 6.57
CA MET B 208 18.46 33.71 6.07
C MET B 208 19.31 33.22 7.22
N SER B 209 20.29 32.38 6.87
CA SER B 209 21.23 31.87 7.88
C SER B 209 21.96 33.02 8.55
N LEU B 210 22.11 32.92 9.87
CA LEU B 210 22.73 33.99 10.63
C LEU B 210 24.21 34.14 10.27
N LEU B 211 24.90 33.04 9.97
CA LEU B 211 26.32 33.11 9.68
C LEU B 211 26.64 33.30 8.20
N GLU B 212 25.70 33.01 7.30
CA GLU B 212 25.92 33.13 5.87
C GLU B 212 24.60 33.53 5.22
N PRO B 213 24.29 34.84 5.20
CA PRO B 213 22.94 35.28 4.84
C PRO B 213 22.57 35.19 3.36
N THR B 214 23.40 34.59 2.52
CA THR B 214 22.98 34.35 1.14
C THR B 214 22.18 33.07 0.98
N LYS B 215 22.18 32.20 1.99
CA LYS B 215 21.38 30.98 1.98
C LYS B 215 20.30 31.08 3.04
N LYS B 216 19.16 30.47 2.75
CA LYS B 216 18.03 30.51 3.66
C LYS B 216 18.31 29.70 4.92
N MET B 217 17.77 30.17 6.04
CA MET B 217 17.77 29.40 7.27
C MET B 217 16.93 28.13 7.07
N SER B 218 17.46 27.00 7.52
CA SER B 218 16.80 25.73 7.30
C SER B 218 16.82 24.85 8.55
N ASN B 223 24.96 22.82 10.90
CA ASN B 223 25.43 23.81 11.87
C ASN B 223 24.26 24.64 12.37
N ARG B 224 23.82 24.36 13.60
CA ARG B 224 22.62 24.98 14.16
C ARG B 224 22.83 26.45 14.50
N ASN B 225 24.06 26.95 14.50
CA ASN B 225 24.29 28.37 14.75
C ASN B 225 23.71 29.27 13.67
N ASN B 226 23.47 28.73 12.47
CA ASN B 226 22.74 29.47 11.44
C ASN B 226 21.27 29.64 11.76
N VAL B 227 20.76 28.92 12.77
CA VAL B 227 19.34 28.65 12.92
C VAL B 227 18.87 29.12 14.29
N ILE B 228 17.60 29.47 14.36
CA ILE B 228 16.91 29.76 15.61
C ILE B 228 15.69 28.85 15.65
N GLY B 229 15.76 27.78 16.44
CA GLY B 229 14.62 26.90 16.57
C GLY B 229 13.49 27.53 17.36
N LEU B 230 12.26 27.08 17.07
CA LEU B 230 11.10 27.63 17.77
C LEU B 230 11.06 27.25 19.24
N LEU B 231 11.78 26.20 19.64
CA LEU B 231 11.79 25.71 21.02
C LEU B 231 13.14 26.00 21.68
N GLU B 232 13.69 27.18 21.41
CA GLU B 232 15.02 27.56 21.84
C GLU B 232 14.93 28.64 22.90
N ASP B 233 15.63 28.45 24.00
CA ASP B 233 15.51 29.36 25.13
C ASP B 233 15.99 30.76 24.74
N PRO B 234 15.48 31.81 25.38
CA PRO B 234 15.94 33.17 25.07
C PRO B 234 17.44 33.33 25.20
N LYS B 235 18.09 32.63 26.14
CA LYS B 235 19.53 32.75 26.28
C LYS B 235 20.27 32.28 25.04
N SER B 236 19.84 31.16 24.46
CA SER B 236 20.48 30.67 23.25
C SER B 236 20.16 31.57 22.06
N VAL B 237 18.94 32.09 22.00
CA VAL B 237 18.53 32.94 20.89
C VAL B 237 19.40 34.19 20.84
N VAL B 238 19.58 34.85 21.98
CA VAL B 238 20.33 36.10 22.01
C VAL B 238 21.79 35.86 21.64
N LYS B 239 22.35 34.71 22.04
CA LYS B 239 23.75 34.42 21.72
C LYS B 239 23.95 34.21 20.23
N LYS B 240 23.01 33.50 19.57
CA LYS B 240 23.14 33.28 18.13
C LYS B 240 22.96 34.57 17.35
N ILE B 241 22.02 35.41 17.78
CA ILE B 241 21.79 36.68 17.09
C ILE B 241 22.98 37.60 17.27
N LYS B 242 23.64 37.54 18.44
CA LYS B 242 24.83 38.35 18.66
C LYS B 242 25.95 37.97 17.70
N ARG B 243 26.05 36.70 17.35
CA ARG B 243 27.06 36.22 16.42
C ARG B 243 26.65 36.38 14.96
N ALA B 244 25.48 36.95 14.69
CA ALA B 244 25.03 37.12 13.31
C ALA B 244 25.96 38.07 12.57
N VAL B 245 26.34 37.69 11.34
CA VAL B 245 27.30 38.47 10.59
C VAL B 245 26.67 39.81 10.20
N THR B 246 27.49 40.87 10.21
CA THR B 246 27.09 42.18 9.74
C THR B 246 28.23 42.76 8.92
N ASP B 247 27.93 43.84 8.20
CA ASP B 247 28.89 44.47 7.32
C ASP B 247 29.87 45.32 8.13
N SER B 248 30.70 46.09 7.43
CA SER B 248 31.75 46.90 8.05
C SER B 248 31.61 48.39 7.75
N ASP B 249 30.40 48.84 7.40
CA ASP B 249 30.19 50.25 7.10
C ASP B 249 30.63 51.11 8.26
N GLU B 250 31.35 52.19 7.96
CA GLU B 250 31.81 53.14 8.96
C GLU B 250 31.29 54.53 8.60
N PRO B 251 30.29 55.06 9.32
CA PRO B 251 29.61 54.52 10.50
C PRO B 251 28.67 53.39 10.15
N PRO B 252 28.46 52.41 11.02
CA PRO B 252 27.43 51.40 10.74
C PRO B 252 26.06 52.05 10.61
N VAL B 253 25.26 51.53 9.68
CA VAL B 253 23.96 52.10 9.34
C VAL B 253 22.95 50.98 9.29
N VAL B 254 21.79 51.19 9.92
CA VAL B 254 20.69 50.23 9.86
C VAL B 254 19.88 50.58 8.62
N ARG B 255 20.30 50.03 7.49
CA ARG B 255 19.61 50.22 6.22
C ARG B 255 19.44 48.87 5.54
N TYR B 256 18.34 48.73 4.79
CA TYR B 256 18.03 47.49 4.11
C TYR B 256 18.69 47.51 2.73
N ASP B 257 19.60 46.56 2.51
CA ASP B 257 20.32 46.45 1.23
C ASP B 257 20.80 45.01 1.12
N VAL B 258 20.11 44.21 0.32
CA VAL B 258 20.47 42.80 0.21
C VAL B 258 21.76 42.60 -0.57
N GLN B 259 22.19 43.62 -1.33
CA GLN B 259 23.43 43.50 -2.09
C GLN B 259 24.65 43.71 -1.21
N ASN B 260 24.66 44.80 -0.44
CA ASN B 260 25.85 45.22 0.30
C ASN B 260 25.74 45.03 1.80
N LYS B 261 24.56 44.70 2.32
CA LYS B 261 24.29 44.65 3.75
C LYS B 261 23.44 43.44 4.09
N ALA B 262 23.83 42.28 3.57
CA ALA B 262 22.98 41.09 3.68
C ALA B 262 22.68 40.76 5.14
N GLY B 263 23.70 40.80 6.00
CA GLY B 263 23.48 40.42 7.40
C GLY B 263 22.55 41.38 8.13
N VAL B 264 22.77 42.68 7.96
CA VAL B 264 21.90 43.68 8.59
C VAL B 264 20.49 43.59 8.03
N SER B 265 20.37 43.39 6.72
CA SER B 265 19.05 43.28 6.09
C SER B 265 18.30 42.08 6.62
N ASN B 266 19.00 40.95 6.79
CA ASN B 266 18.36 39.76 7.34
C ASN B 266 17.82 40.01 8.74
N LEU B 267 18.57 40.73 9.57
CA LEU B 267 18.09 41.07 10.89
C LEU B 267 16.84 41.95 10.82
N LEU B 268 16.84 42.92 9.91
CA LEU B 268 15.66 43.75 9.71
C LEU B 268 14.47 42.92 9.23
N ASP B 269 14.73 41.89 8.41
CA ASP B 269 13.67 41.01 7.96
C ASP B 269 13.07 40.22 9.12
N ILE B 270 13.93 39.70 10.00
CA ILE B 270 13.45 38.92 11.14
C ILE B 270 12.59 39.79 12.04
N LEU B 271 13.07 41.01 12.34
CA LEU B 271 12.31 41.93 13.19
C LEU B 271 10.99 42.31 12.54
N SER B 272 11.01 42.58 11.23
CA SER B 272 9.78 42.96 10.54
C SER B 272 8.75 41.84 10.57
N ALA B 273 9.20 40.59 10.37
CA ALA B 273 8.28 39.47 10.39
C ALA B 273 7.61 39.33 11.75
N VAL B 274 8.38 39.49 12.84
CA VAL B 274 7.83 39.29 14.18
C VAL B 274 6.88 40.42 14.55
N THR B 275 7.36 41.67 14.48
CA THR B 275 6.60 42.80 15.00
C THR B 275 5.45 43.20 14.08
N GLY B 276 5.56 42.94 12.78
CA GLY B 276 4.61 43.44 11.81
C GLY B 276 4.96 44.80 11.24
N GLN B 277 6.05 45.41 11.69
CA GLN B 277 6.46 46.71 11.20
C GLN B 277 7.16 46.57 9.85
N SER B 278 6.76 47.41 8.90
CA SER B 278 7.44 47.44 7.61
C SER B 278 8.91 47.84 7.81
N ILE B 279 9.76 47.34 6.91
CA ILE B 279 11.19 47.64 7.02
C ILE B 279 11.46 49.13 6.96
N PRO B 280 10.81 49.93 6.10
CA PRO B 280 11.06 51.37 6.13
C PRO B 280 10.76 51.99 7.48
N GLU B 281 9.72 51.52 8.16
CA GLU B 281 9.44 51.99 9.52
C GLU B 281 10.59 51.65 10.45
N LEU B 282 11.15 50.44 10.32
CA LEU B 282 12.28 50.06 11.16
C LEU B 282 13.52 50.87 10.84
N GLU B 283 13.73 51.24 9.57
CA GLU B 283 14.86 52.07 9.21
C GLU B 283 14.79 53.43 9.89
N GLN B 284 13.61 54.05 9.88
CA GLN B 284 13.42 55.32 10.57
C GLN B 284 13.63 55.14 12.08
N HIS B 285 13.14 54.04 12.62
CA HIS B 285 13.25 53.81 14.06
C HIS B 285 14.69 53.56 14.49
N PHE B 286 15.53 53.02 13.61
CA PHE B 286 16.93 52.73 13.93
C PHE B 286 17.90 53.79 13.44
N GLU B 287 17.40 54.92 12.93
CA GLU B 287 18.29 56.00 12.50
C GLU B 287 19.13 56.47 13.68
N GLY B 288 20.45 56.46 13.50
CA GLY B 288 21.37 56.86 14.55
C GLY B 288 21.75 55.76 15.52
N LYS B 289 21.35 54.52 15.26
CA LYS B 289 21.64 53.39 16.13
C LYS B 289 22.62 52.44 15.45
N MET B 290 23.43 51.76 16.27
CA MET B 290 24.43 50.82 15.80
C MET B 290 23.83 49.42 15.66
N TYR B 291 24.68 48.46 15.26
CA TYR B 291 24.24 47.08 15.07
C TYR B 291 24.04 46.33 16.37
N GLY B 292 24.67 46.77 17.46
CA GLY B 292 24.37 46.21 18.77
C GLY B 292 22.94 46.52 19.19
N HIS B 293 22.48 47.73 18.88
CA HIS B 293 21.08 48.08 19.17
C HIS B 293 20.14 47.25 18.31
N LEU B 294 20.45 47.08 17.03
CA LEU B 294 19.62 46.25 16.17
C LEU B 294 19.56 44.82 16.68
N LYS B 295 20.72 44.25 17.04
CA LYS B 295 20.75 42.86 17.49
C LYS B 295 19.98 42.68 18.80
N GLY B 296 20.08 43.65 19.70
CA GLY B 296 19.33 43.55 20.95
C GLY B 296 17.84 43.62 20.73
N GLU B 297 17.39 44.47 19.80
CA GLU B 297 15.97 44.54 19.49
C GLU B 297 15.48 43.26 18.82
N VAL B 298 16.27 42.71 17.89
CA VAL B 298 15.87 41.48 17.23
C VAL B 298 15.76 40.34 18.25
N ALA B 299 16.74 40.23 19.15
CA ALA B 299 16.71 39.18 20.16
C ALA B 299 15.49 39.32 21.06
N GLU B 300 15.18 40.54 21.50
CA GLU B 300 14.02 40.74 22.37
C GLU B 300 12.72 40.37 21.65
N ALA B 301 12.59 40.77 20.38
CA ALA B 301 11.36 40.48 19.65
C ALA B 301 11.20 38.99 19.40
N VAL B 302 12.27 38.33 18.94
CA VAL B 302 12.19 36.91 18.65
C VAL B 302 11.87 36.12 19.92
N SER B 303 12.58 36.41 21.01
CA SER B 303 12.33 35.69 22.25
C SER B 303 10.91 35.94 22.77
N GLY B 304 10.43 37.17 22.65
CA GLY B 304 9.05 37.45 23.04
C GLY B 304 8.05 36.62 22.27
N MET B 305 8.26 36.47 20.96
CA MET B 305 7.38 35.63 20.16
C MET B 305 7.50 34.17 20.56
N LEU B 306 8.72 33.70 20.82
CA LEU B 306 8.93 32.28 21.06
C LEU B 306 8.42 31.85 22.43
N THR B 307 8.39 32.76 23.41
CA THR B 307 7.90 32.37 24.73
C THR B 307 6.41 32.03 24.71
N GLU B 308 5.65 32.73 23.87
CA GLU B 308 4.24 32.35 23.68
C GLU B 308 4.14 30.93 23.13
N LEU B 309 4.87 30.65 22.04
CA LEU B 309 4.77 29.34 21.40
C LEU B 309 5.26 28.23 22.31
N GLN B 310 6.31 28.51 23.09
CA GLN B 310 6.93 27.47 23.91
C GLN B 310 6.07 27.13 25.12
N GLU B 311 5.46 28.13 25.73
CA GLU B 311 4.55 27.86 26.84
C GLU B 311 3.41 26.95 26.38
N ARG B 312 2.86 27.22 25.19
CA ARG B 312 1.83 26.34 24.65
C ARG B 312 2.38 24.98 24.29
N TYR B 313 3.58 24.94 23.69
CA TYR B 313 4.14 23.66 23.24
C TYR B 313 4.36 22.70 24.40
N HIS B 314 4.88 23.19 25.52
CA HIS B 314 5.16 22.30 26.64
C HIS B 314 3.89 21.87 27.36
N ARG B 315 2.86 22.72 27.36
CA ARG B 315 1.57 22.33 27.91
C ARG B 315 0.94 21.21 27.08
N PHE B 316 0.94 21.36 25.75
CA PHE B 316 0.36 20.34 24.90
C PHE B 316 1.22 19.08 24.88
N ARG B 317 2.53 19.25 24.82
CA ARG B 317 3.42 18.12 24.58
C ARG B 317 3.46 17.15 25.74
N ASN B 318 3.29 17.65 26.97
CA ASN B 318 3.34 16.82 28.16
C ASN B 318 1.96 16.30 28.58
N ASP B 319 0.93 16.55 27.78
CA ASP B 319 -0.44 16.11 28.06
C ASP B 319 -0.75 14.97 27.09
N GLU B 320 -0.40 13.75 27.49
CA GLU B 320 -0.59 12.60 26.60
C GLU B 320 -2.06 12.40 26.26
N ALA B 321 -2.95 12.57 27.23
CA ALA B 321 -4.38 12.39 26.96
C ALA B 321 -4.87 13.39 25.92
N PHE B 322 -4.40 14.64 26.00
CA PHE B 322 -4.82 15.65 25.04
C PHE B 322 -4.34 15.31 23.64
N LEU B 323 -3.07 14.91 23.51
CA LEU B 323 -2.55 14.57 22.19
C LEU B 323 -3.28 13.36 21.60
N ASN B 324 -3.58 12.37 22.44
CA ASN B 324 -4.34 11.22 21.97
C ASN B 324 -5.71 11.64 21.44
N GLN B 325 -6.37 12.57 22.13
CA GLN B 325 -7.68 13.04 21.68
C GLN B 325 -7.56 13.77 20.35
N VAL B 326 -6.53 14.61 20.20
CA VAL B 326 -6.33 15.32 18.94
C VAL B 326 -6.09 14.33 17.80
N MET B 327 -5.21 13.35 18.03
CA MET B 327 -4.92 12.36 16.99
C MET B 327 -6.15 11.51 16.68
N LYS B 328 -6.94 11.18 17.71
CA LYS B 328 -8.14 10.37 17.50
C LYS B 328 -9.14 11.09 16.62
N GLU B 329 -9.50 12.32 17.00
CA GLU B 329 -10.48 13.07 16.23
C GLU B 329 -9.95 13.44 14.86
N GLY B 330 -8.66 13.74 14.76
CA GLY B 330 -8.08 14.06 13.47
C GLY B 330 -8.11 12.87 12.53
N ALA B 331 -7.82 11.67 13.05
CA ALA B 331 -7.85 10.48 12.20
C ALA B 331 -9.28 10.17 11.77
N GLU B 332 -10.25 10.34 12.66
CA GLU B 332 -11.64 10.07 12.31
C GLU B 332 -12.13 11.03 11.23
N LYS B 333 -11.83 12.33 11.38
CA LYS B 333 -12.19 13.30 10.35
C LYS B 333 -11.50 12.97 9.04
N ALA B 334 -10.20 12.68 9.09
CA ALA B 334 -9.46 12.40 7.86
C ALA B 334 -9.99 11.17 7.16
N SER B 335 -10.29 10.10 7.90
CA SER B 335 -10.77 8.88 7.28
C SER B 335 -12.15 9.06 6.67
N ALA B 336 -13.03 9.82 7.33
CA ALA B 336 -14.36 10.04 6.77
C ALA B 336 -14.28 10.79 5.45
N HIS B 337 -13.42 11.81 5.40
CA HIS B 337 -13.19 12.54 4.16
C HIS B 337 -12.54 11.66 3.11
N ALA B 338 -11.52 10.91 3.49
CA ALA B 338 -10.73 10.14 2.53
C ALA B 338 -11.49 8.92 2.02
N SER B 339 -12.31 8.30 2.87
CA SER B 339 -13.03 7.11 2.46
C SER B 339 -13.98 7.40 1.31
N LYS B 340 -14.48 8.64 1.22
CA LYS B 340 -15.35 9.00 0.12
C LYS B 340 -14.61 8.86 -1.21
N THR B 341 -13.37 9.34 -1.29
CA THR B 341 -12.61 9.22 -2.52
C THR B 341 -12.19 7.78 -2.76
N LEU B 342 -11.80 7.07 -1.69
CA LEU B 342 -11.33 5.70 -1.86
C LEU B 342 -12.44 4.79 -2.37
N LYS B 343 -13.67 4.97 -1.86
CA LYS B 343 -14.78 4.15 -2.31
C LYS B 343 -15.13 4.43 -3.76
N ALA B 344 -15.04 5.69 -4.19
CA ALA B 344 -15.28 5.99 -5.60
C ALA B 344 -14.19 5.38 -6.48
N VAL B 345 -12.94 5.41 -6.01
CA VAL B 345 -11.85 4.82 -6.77
C VAL B 345 -12.06 3.32 -6.91
N TYR B 346 -12.40 2.66 -5.80
CA TYR B 346 -12.61 1.21 -5.83
C TYR B 346 -13.80 0.84 -6.71
N GLU B 347 -14.87 1.63 -6.67
CA GLU B 347 -16.03 1.34 -7.52
C GLU B 347 -15.70 1.49 -8.99
N ALA B 348 -14.98 2.57 -9.35
CA ALA B 348 -14.60 2.76 -10.74
C ALA B 348 -13.72 1.63 -11.25
N ILE B 349 -12.77 1.18 -10.42
CA ILE B 349 -11.81 0.18 -10.84
C ILE B 349 -12.45 -1.18 -11.04
N GLY B 350 -13.53 -1.48 -10.33
CA GLY B 350 -14.23 -2.73 -10.52
C GLY B 350 -14.23 -3.66 -9.32
N PHE B 351 -13.73 -3.19 -8.18
CA PHE B 351 -13.76 -3.99 -6.96
C PHE B 351 -15.20 -4.18 -6.49
N VAL B 352 -15.47 -5.35 -5.90
CA VAL B 352 -16.67 -5.51 -5.10
C VAL B 352 -16.58 -4.57 -3.91
N ALA B 353 -17.63 -3.79 -3.69
CA ALA B 353 -17.67 -2.90 -2.54
C ALA B 353 -17.63 -3.72 -1.25
N LYS B 354 -16.85 -3.26 -0.29
CA LYS B 354 -16.78 -3.94 0.99
C LYS B 354 -18.16 -3.88 1.64
N PRO B 355 -18.80 -5.02 1.96
CA PRO B 355 -20.16 -4.92 2.50
C PRO B 355 -20.19 -4.54 3.97
N TRP C . 0.55 -13.85 -6.95
CA TRP C . -0.34 -14.99 -6.79
C TRP C . -0.79 -15.56 -8.14
O TRP C . -0.72 -14.89 -9.16
CB TRP C . -1.56 -14.59 -5.95
CG TRP C . -1.25 -14.41 -4.52
CD1 TRP C . -1.25 -13.25 -3.81
CD2 TRP C . -0.87 -15.43 -3.58
NE1 TRP C . -0.90 -13.48 -2.50
CE2 TRP C . -0.67 -14.82 -2.34
CE3 TRP C . -0.69 -16.82 -3.69
CZ2 TRP C . -0.29 -15.53 -1.20
CZ3 TRP C . -0.32 -17.52 -2.56
CH2 TRP C . -0.11 -16.87 -1.33
OXT TRP C . -1.24 -16.70 -8.22
CL CL D . -2.98 -23.65 -13.40
CL CL E . 0.06 -40.28 -26.12
S SO4 F . -11.06 -44.00 -30.08
O1 SO4 F . -10.75 -43.30 -28.79
O2 SO4 F . -12.25 -43.37 -30.73
O3 SO4 F . -9.87 -43.87 -31.00
O4 SO4 F . -11.32 -45.45 -29.82
O1 PG4 G . -18.40 -30.84 -3.27
C1 PG4 G . -19.46 -30.67 -2.36
C2 PG4 G . -19.07 -29.68 -1.30
O2 PG4 G . -19.85 -29.86 -0.14
C3 PG4 G . -19.32 -29.21 0.99
C4 PG4 G . -20.39 -28.39 1.67
O3 PG4 G . -19.82 -27.50 2.59
C5 PG4 G . -19.44 -26.24 2.08
C6 PG4 G . -20.25 -25.16 2.77
O4 PG4 G . -20.52 -24.11 1.87
C7 PG4 G . -21.12 -23.01 2.51
C8 PG4 G . -22.57 -22.88 2.11
O5 PG4 G . -23.30 -22.35 3.19
N TRP H . 7.51 14.17 1.47
CA TRP H . 7.06 15.45 1.97
C TRP H . 8.19 16.22 2.67
O TRP H . 9.28 15.69 2.85
CB TRP H . 5.90 15.26 2.94
CG TRP H . 4.63 14.96 2.22
CD1 TRP H . 4.01 13.76 2.11
CD2 TRP H . 3.83 15.90 1.49
NE1 TRP H . 2.86 13.88 1.37
CE2 TRP H . 2.73 15.19 0.97
CE3 TRP H . 3.93 17.27 1.22
CZ2 TRP H . 1.74 15.79 0.21
CZ3 TRP H . 2.94 17.87 0.46
CH2 TRP H . 1.87 17.13 -0.04
OXT TRP H . 8.03 17.38 3.05
CL CL I . 13.60 23.92 5.64
O1 PG4 J . 0.44 31.74 18.43
C1 PG4 J . -0.71 31.60 19.22
C2 PG4 J . -1.67 30.63 18.54
O2 PG4 J . -2.90 30.61 19.23
C3 PG4 J . -3.94 30.05 18.47
C4 PG4 J . -4.82 29.20 19.33
O3 PG4 J . -5.54 28.28 18.54
C5 PG4 J . -4.90 27.04 18.33
C6 PG4 J . -5.73 25.94 18.96
O4 PG4 J . -4.89 25.00 19.60
C7 PG4 J . -5.64 23.96 20.19
C8 PG4 J . -5.50 24.01 21.69
O5 PG4 J . -6.65 23.46 22.30
#